data_3CU4
# 
_entry.id   3CU4 
# 
_audit_conform.dict_name       mmcif_pdbx.dic 
_audit_conform.dict_version    5.387 
_audit_conform.dict_location   http://mmcif.pdb.org/dictionaries/ascii/mmcif_pdbx.dic 
# 
loop_
_database_2.database_id 
_database_2.database_code 
_database_2.pdbx_database_accession 
_database_2.pdbx_DOI 
PDB   3CU4         pdb_00003cu4 10.2210/pdb3cu4/pdb 
RCSB  RCSB047211   ?            ?                   
WWPDB D_1000047211 ?            ?                   
# 
loop_
_pdbx_audit_revision_history.ordinal 
_pdbx_audit_revision_history.data_content_type 
_pdbx_audit_revision_history.major_revision 
_pdbx_audit_revision_history.minor_revision 
_pdbx_audit_revision_history.revision_date 
1 'Structure model' 1 0 2008-10-21 
2 'Structure model' 1 1 2011-07-13 
3 'Structure model' 1 2 2024-02-21 
# 
_pdbx_audit_revision_details.ordinal             1 
_pdbx_audit_revision_details.revision_ordinal    1 
_pdbx_audit_revision_details.data_content_type   'Structure model' 
_pdbx_audit_revision_details.provider            repository 
_pdbx_audit_revision_details.type                'Initial release' 
_pdbx_audit_revision_details.description         ? 
_pdbx_audit_revision_details.details             ? 
# 
loop_
_pdbx_audit_revision_group.ordinal 
_pdbx_audit_revision_group.revision_ordinal 
_pdbx_audit_revision_group.data_content_type 
_pdbx_audit_revision_group.group 
1 2 'Structure model' 'Version format compliance' 
2 3 'Structure model' 'Data collection'           
3 3 'Structure model' 'Database references'       
4 3 'Structure model' 'Derived calculations'      
# 
loop_
_pdbx_audit_revision_category.ordinal 
_pdbx_audit_revision_category.revision_ordinal 
_pdbx_audit_revision_category.data_content_type 
_pdbx_audit_revision_category.category 
1 3 'Structure model' chem_comp_atom 
2 3 'Structure model' chem_comp_bond 
3 3 'Structure model' database_2     
4 3 'Structure model' struct_site    
# 
loop_
_pdbx_audit_revision_item.ordinal 
_pdbx_audit_revision_item.revision_ordinal 
_pdbx_audit_revision_item.data_content_type 
_pdbx_audit_revision_item.item 
1 3 'Structure model' '_database_2.pdbx_DOI'                
2 3 'Structure model' '_database_2.pdbx_database_accession' 
3 3 'Structure model' '_struct_site.pdbx_auth_asym_id'      
4 3 'Structure model' '_struct_site.pdbx_auth_comp_id'      
5 3 'Structure model' '_struct_site.pdbx_auth_seq_id'       
# 
_pdbx_database_status.status_code                     REL 
_pdbx_database_status.entry_id                        3CU4 
_pdbx_database_status.recvd_initial_deposition_date   2008-04-15 
_pdbx_database_status.deposit_site                    RCSB 
_pdbx_database_status.process_site                    RCSB 
_pdbx_database_status.status_code_sf                  REL 
_pdbx_database_status.status_code_mr                  ? 
_pdbx_database_status.SG_entry                        ? 
_pdbx_database_status.pdb_format_compatible           Y 
_pdbx_database_status.status_code_cs                  ? 
_pdbx_database_status.status_code_nmr_data            ? 
_pdbx_database_status.methods_development_category    ? 
# 
_pdbx_database_related.db_name        PDB 
_pdbx_database_related.db_id          1ctj 
_pdbx_database_related.details        'Cytochrome c6' 
_pdbx_database_related.content_type   unspecified 
# 
loop_
_audit_author.name 
_audit_author.pdbx_ordinal 
'Pokkuluri, P.R.' 1 
'Schiffer, M.'    2 
# 
_citation.id                        primary 
_citation.title                     
'Outer membrane cytochrome c, OmcF, from Geobacter sulfurreducens: High structural similarity to an algal cytochrome c(6).' 
_citation.journal_abbrev            Proteins 
_citation.journal_volume            74 
_citation.page_first                266 
_citation.page_last                 270 
_citation.year                      2008 
_citation.journal_id_ASTM           PSFGEY 
_citation.country                   US 
_citation.journal_id_ISSN           0887-3585 
_citation.journal_id_CSD            0867 
_citation.book_publisher            ? 
_citation.pdbx_database_id_PubMed   18837462 
_citation.pdbx_database_id_DOI      10.1002/prot.22260 
# 
loop_
_citation_author.citation_id 
_citation_author.name 
_citation_author.ordinal 
_citation_author.identifier_ORCID 
primary 'Pokkuluri, P.R.' 1 ? 
primary 'Londer, Y.Y.'    2 ? 
primary 'Wood, S.J.'      3 ? 
primary 'Duke, N.E.'      4 ? 
primary 'Morgado, L.'     5 ? 
primary 'Salgueiro, C.A.' 6 ? 
primary 'Schiffer, M.'    7 ? 
# 
loop_
_entity.id 
_entity.type 
_entity.src_method 
_entity.pdbx_description 
_entity.formula_weight 
_entity.pdbx_number_of_molecules 
_entity.pdbx_ec 
_entity.pdbx_mutation 
_entity.pdbx_fragment 
_entity.details 
1 polymer     man 'Cytochrome c family protein'     8669.767 1   ? ? ? ? 
2 non-polymer syn 'PROTOPORPHYRIN IX CONTAINING FE' 616.487  1   ? ? ? ? 
3 water       nat water                             18.015   116 ? ? ? ? 
# 
_entity_poly.entity_id                      1 
_entity_poly.type                           'polypeptide(L)' 
_entity_poly.nstd_linkage                   no 
_entity_poly.nstd_monomer                   no 
_entity_poly.pdbx_seq_one_letter_code       
;SGGSGAGGGELFATHCAGCHPQGGNTVHPEKTLARARREANGIRTVRDVAAYIRNPGPGMPAFGEAMIPPADALKIGEYV
VASFP
;
_entity_poly.pdbx_seq_one_letter_code_can   
;SGGSGAGGGELFATHCAGCHPQGGNTVHPEKTLARARREANGIRTVRDVAAYIRNPGPGMPAFGEAMIPPADALKIGEYV
VASFP
;
_entity_poly.pdbx_strand_id                 A 
_entity_poly.pdbx_target_identifier         ? 
# 
loop_
_pdbx_entity_nonpoly.entity_id 
_pdbx_entity_nonpoly.name 
_pdbx_entity_nonpoly.comp_id 
2 'PROTOPORPHYRIN IX CONTAINING FE' HEM 
3 water                             HOH 
# 
loop_
_entity_poly_seq.entity_id 
_entity_poly_seq.num 
_entity_poly_seq.mon_id 
_entity_poly_seq.hetero 
1 1  SER n 
1 2  GLY n 
1 3  GLY n 
1 4  SER n 
1 5  GLY n 
1 6  ALA n 
1 7  GLY n 
1 8  GLY n 
1 9  GLY n 
1 10 GLU n 
1 11 LEU n 
1 12 PHE n 
1 13 ALA n 
1 14 THR n 
1 15 HIS n 
1 16 CYS n 
1 17 ALA n 
1 18 GLY n 
1 19 CYS n 
1 20 HIS n 
1 21 PRO n 
1 22 GLN n 
1 23 GLY n 
1 24 GLY n 
1 25 ASN n 
1 26 THR n 
1 27 VAL n 
1 28 HIS n 
1 29 PRO n 
1 30 GLU n 
1 31 LYS n 
1 32 THR n 
1 33 LEU n 
1 34 ALA n 
1 35 ARG n 
1 36 ALA n 
1 37 ARG n 
1 38 ARG n 
1 39 GLU n 
1 40 ALA n 
1 41 ASN n 
1 42 GLY n 
1 43 ILE n 
1 44 ARG n 
1 45 THR n 
1 46 VAL n 
1 47 ARG n 
1 48 ASP n 
1 49 VAL n 
1 50 ALA n 
1 51 ALA n 
1 52 TYR n 
1 53 ILE n 
1 54 ARG n 
1 55 ASN n 
1 56 PRO n 
1 57 GLY n 
1 58 PRO n 
1 59 GLY n 
1 60 MET n 
1 61 PRO n 
1 62 ALA n 
1 63 PHE n 
1 64 GLY n 
1 65 GLU n 
1 66 ALA n 
1 67 MET n 
1 68 ILE n 
1 69 PRO n 
1 70 PRO n 
1 71 ALA n 
1 72 ASP n 
1 73 ALA n 
1 74 LEU n 
1 75 LYS n 
1 76 ILE n 
1 77 GLY n 
1 78 GLU n 
1 79 TYR n 
1 80 VAL n 
1 81 VAL n 
1 82 ALA n 
1 83 SER n 
1 84 PHE n 
1 85 PRO n 
# 
_entity_src_gen.entity_id                          1 
_entity_src_gen.pdbx_src_id                        1 
_entity_src_gen.pdbx_alt_source_flag               sample 
_entity_src_gen.pdbx_seq_type                      ? 
_entity_src_gen.pdbx_beg_seq_num                   ? 
_entity_src_gen.pdbx_end_seq_num                   ? 
_entity_src_gen.gene_src_common_name               ? 
_entity_src_gen.gene_src_genus                     ? 
_entity_src_gen.pdbx_gene_src_gene                 GSU2432 
_entity_src_gen.gene_src_species                   ? 
_entity_src_gen.gene_src_strain                    ? 
_entity_src_gen.gene_src_tissue                    ? 
_entity_src_gen.gene_src_tissue_fraction           ? 
_entity_src_gen.gene_src_details                   ? 
_entity_src_gen.pdbx_gene_src_fragment             ? 
_entity_src_gen.pdbx_gene_src_scientific_name      'Geobacter sulfurreducens' 
_entity_src_gen.pdbx_gene_src_ncbi_taxonomy_id     35554 
_entity_src_gen.pdbx_gene_src_variant              ? 
_entity_src_gen.pdbx_gene_src_cell_line            ? 
_entity_src_gen.pdbx_gene_src_atcc                 ? 
_entity_src_gen.pdbx_gene_src_organ                ? 
_entity_src_gen.pdbx_gene_src_organelle            ? 
_entity_src_gen.pdbx_gene_src_cell                 ? 
_entity_src_gen.pdbx_gene_src_cellular_location    ? 
_entity_src_gen.host_org_common_name               ? 
_entity_src_gen.pdbx_host_org_scientific_name      'Escherichia coli' 
_entity_src_gen.pdbx_host_org_ncbi_taxonomy_id     562 
_entity_src_gen.host_org_genus                     ? 
_entity_src_gen.pdbx_host_org_gene                 ? 
_entity_src_gen.pdbx_host_org_organ                ? 
_entity_src_gen.host_org_species                   ? 
_entity_src_gen.pdbx_host_org_tissue               ? 
_entity_src_gen.pdbx_host_org_tissue_fraction      ? 
_entity_src_gen.pdbx_host_org_strain               'BL21 (DE3) cotransformed with plasmid pEC86' 
_entity_src_gen.pdbx_host_org_variant              ? 
_entity_src_gen.pdbx_host_org_cell_line            ? 
_entity_src_gen.pdbx_host_org_atcc                 ? 
_entity_src_gen.pdbx_host_org_culture_collection   ? 
_entity_src_gen.pdbx_host_org_cell                 ? 
_entity_src_gen.pdbx_host_org_organelle            ? 
_entity_src_gen.pdbx_host_org_cellular_location    ? 
_entity_src_gen.pdbx_host_org_vector_type          ? 
_entity_src_gen.pdbx_host_org_vector               ? 
_entity_src_gen.host_org_details                   ? 
_entity_src_gen.expression_system_id               ? 
_entity_src_gen.plasmid_name                       ? 
_entity_src_gen.plasmid_details                    ? 
_entity_src_gen.pdbx_description                   ? 
# 
loop_
_chem_comp.id 
_chem_comp.type 
_chem_comp.mon_nstd_flag 
_chem_comp.name 
_chem_comp.pdbx_synonyms 
_chem_comp.formula 
_chem_comp.formula_weight 
ALA 'L-peptide linking' y ALANINE                           ?    'C3 H7 N O2'       89.093  
ARG 'L-peptide linking' y ARGININE                          ?    'C6 H15 N4 O2 1'   175.209 
ASN 'L-peptide linking' y ASPARAGINE                        ?    'C4 H8 N2 O3'      132.118 
ASP 'L-peptide linking' y 'ASPARTIC ACID'                   ?    'C4 H7 N O4'       133.103 
CYS 'L-peptide linking' y CYSTEINE                          ?    'C3 H7 N O2 S'     121.158 
GLN 'L-peptide linking' y GLUTAMINE                         ?    'C5 H10 N2 O3'     146.144 
GLU 'L-peptide linking' y 'GLUTAMIC ACID'                   ?    'C5 H9 N O4'       147.129 
GLY 'peptide linking'   y GLYCINE                           ?    'C2 H5 N O2'       75.067  
HEM non-polymer         . 'PROTOPORPHYRIN IX CONTAINING FE' HEME 'C34 H32 Fe N4 O4' 616.487 
HIS 'L-peptide linking' y HISTIDINE                         ?    'C6 H10 N3 O2 1'   156.162 
HOH non-polymer         . WATER                             ?    'H2 O'             18.015  
ILE 'L-peptide linking' y ISOLEUCINE                        ?    'C6 H13 N O2'      131.173 
LEU 'L-peptide linking' y LEUCINE                           ?    'C6 H13 N O2'      131.173 
LYS 'L-peptide linking' y LYSINE                            ?    'C6 H15 N2 O2 1'   147.195 
MET 'L-peptide linking' y METHIONINE                        ?    'C5 H11 N O2 S'    149.211 
PHE 'L-peptide linking' y PHENYLALANINE                     ?    'C9 H11 N O2'      165.189 
PRO 'L-peptide linking' y PROLINE                           ?    'C5 H9 N O2'       115.130 
SER 'L-peptide linking' y SERINE                            ?    'C3 H7 N O3'       105.093 
THR 'L-peptide linking' y THREONINE                         ?    'C4 H9 N O3'       119.119 
TYR 'L-peptide linking' y TYROSINE                          ?    'C9 H11 N O3'      181.189 
VAL 'L-peptide linking' y VALINE                            ?    'C5 H11 N O2'      117.146 
# 
loop_
_pdbx_poly_seq_scheme.asym_id 
_pdbx_poly_seq_scheme.entity_id 
_pdbx_poly_seq_scheme.seq_id 
_pdbx_poly_seq_scheme.mon_id 
_pdbx_poly_seq_scheme.ndb_seq_num 
_pdbx_poly_seq_scheme.pdb_seq_num 
_pdbx_poly_seq_scheme.auth_seq_num 
_pdbx_poly_seq_scheme.pdb_mon_id 
_pdbx_poly_seq_scheme.auth_mon_id 
_pdbx_poly_seq_scheme.pdb_strand_id 
_pdbx_poly_seq_scheme.pdb_ins_code 
_pdbx_poly_seq_scheme.hetero 
A 1 1  SER 1  20  ?   ?   ?   A . n 
A 1 2  GLY 2  21  ?   ?   ?   A . n 
A 1 3  GLY 3  22  ?   ?   ?   A . n 
A 1 4  SER 4  23  ?   ?   ?   A . n 
A 1 5  GLY 5  24  ?   ?   ?   A . n 
A 1 6  ALA 6  25  ?   ?   ?   A . n 
A 1 7  GLY 7  26  26  GLY GLY A . n 
A 1 8  GLY 8  27  27  GLY GLY A . n 
A 1 9  GLY 9  28  28  GLY GLY A . n 
A 1 10 GLU 10 29  29  GLU GLU A . n 
A 1 11 LEU 11 30  30  LEU LEU A . n 
A 1 12 PHE 12 31  31  PHE PHE A . n 
A 1 13 ALA 13 32  32  ALA ALA A . n 
A 1 14 THR 14 33  33  THR THR A . n 
A 1 15 HIS 15 34  34  HIS HIS A . n 
A 1 16 CYS 16 35  35  CYS CYS A . n 
A 1 17 ALA 17 36  36  ALA ALA A . n 
A 1 18 GLY 18 37  37  GLY GLY A . n 
A 1 19 CYS 19 38  38  CYS CYS A . n 
A 1 20 HIS 20 39  39  HIS HIS A . n 
A 1 21 PRO 21 40  40  PRO PRO A . n 
A 1 22 GLN 22 41  41  GLN GLN A . n 
A 1 23 GLY 23 42  42  GLY GLY A . n 
A 1 24 GLY 24 43  43  GLY GLY A . n 
A 1 25 ASN 25 44  44  ASN ASN A . n 
A 1 26 THR 26 45  45  THR THR A . n 
A 1 27 VAL 27 46  46  VAL VAL A . n 
A 1 28 HIS 28 47  47  HIS HIS A . n 
A 1 29 PRO 29 48  48  PRO PRO A . n 
A 1 30 GLU 30 49  49  GLU GLU A . n 
A 1 31 LYS 31 50  50  LYS LYS A . n 
A 1 32 THR 32 51  51  THR THR A . n 
A 1 33 LEU 33 52  52  LEU LEU A . n 
A 1 34 ALA 34 53  53  ALA ALA A . n 
A 1 35 ARG 35 54  54  ARG ARG A . n 
A 1 36 ALA 36 55  55  ALA ALA A . n 
A 1 37 ARG 37 56  56  ARG ARG A . n 
A 1 38 ARG 38 57  57  ARG ARG A . n 
A 1 39 GLU 39 58  58  GLU GLU A . n 
A 1 40 ALA 40 59  59  ALA ALA A . n 
A 1 41 ASN 41 60  60  ASN ASN A . n 
A 1 42 GLY 42 61  61  GLY GLY A . n 
A 1 43 ILE 43 62  62  ILE ILE A . n 
A 1 44 ARG 44 63  63  ARG ARG A . n 
A 1 45 THR 45 64  64  THR THR A . n 
A 1 46 VAL 46 65  65  VAL VAL A . n 
A 1 47 ARG 47 66  66  ARG ARG A . n 
A 1 48 ASP 48 67  67  ASP ASP A . n 
A 1 49 VAL 49 68  68  VAL VAL A . n 
A 1 50 ALA 50 69  69  ALA ALA A . n 
A 1 51 ALA 51 70  70  ALA ALA A . n 
A 1 52 TYR 52 71  71  TYR TYR A . n 
A 1 53 ILE 53 72  72  ILE ILE A . n 
A 1 54 ARG 54 73  73  ARG ARG A . n 
A 1 55 ASN 55 74  74  ASN ASN A . n 
A 1 56 PRO 56 75  75  PRO PRO A . n 
A 1 57 GLY 57 76  76  GLY GLY A . n 
A 1 58 PRO 58 77  77  PRO PRO A . n 
A 1 59 GLY 59 78  78  GLY GLY A . n 
A 1 60 MET 60 79  79  MET MET A . n 
A 1 61 PRO 61 80  80  PRO PRO A . n 
A 1 62 ALA 62 81  81  ALA ALA A . n 
A 1 63 PHE 63 82  82  PHE PHE A . n 
A 1 64 GLY 64 83  83  GLY GLY A . n 
A 1 65 GLU 65 84  84  GLU GLU A . n 
A 1 66 ALA 66 85  85  ALA ALA A . n 
A 1 67 MET 67 86  86  MET MET A . n 
A 1 68 ILE 68 87  87  ILE ILE A . n 
A 1 69 PRO 69 88  88  PRO PRO A . n 
A 1 70 PRO 70 89  89  PRO PRO A . n 
A 1 71 ALA 71 90  90  ALA ALA A . n 
A 1 72 ASP 72 91  91  ASP ASP A . n 
A 1 73 ALA 73 92  92  ALA ALA A . n 
A 1 74 LEU 74 93  93  LEU LEU A . n 
A 1 75 LYS 75 94  94  LYS LYS A . n 
A 1 76 ILE 76 95  95  ILE ILE A . n 
A 1 77 GLY 77 96  96  GLY GLY A . n 
A 1 78 GLU 78 97  97  GLU GLU A . n 
A 1 79 TYR 79 98  98  TYR TYR A . n 
A 1 80 VAL 80 99  99  VAL VAL A . n 
A 1 81 VAL 81 100 100 VAL VAL A . n 
A 1 82 ALA 82 101 101 ALA ALA A . n 
A 1 83 SER 83 102 102 SER SER A . n 
A 1 84 PHE 84 103 103 PHE PHE A . n 
A 1 85 PRO 85 104 104 PRO PRO A . n 
# 
loop_
_pdbx_nonpoly_scheme.asym_id 
_pdbx_nonpoly_scheme.entity_id 
_pdbx_nonpoly_scheme.mon_id 
_pdbx_nonpoly_scheme.ndb_seq_num 
_pdbx_nonpoly_scheme.pdb_seq_num 
_pdbx_nonpoly_scheme.auth_seq_num 
_pdbx_nonpoly_scheme.pdb_mon_id 
_pdbx_nonpoly_scheme.auth_mon_id 
_pdbx_nonpoly_scheme.pdb_strand_id 
_pdbx_nonpoly_scheme.pdb_ins_code 
B 2 HEM 1   199 199 HEM HEM A . 
C 3 HOH 1   201 201 HOH WAT A . 
C 3 HOH 2   202 202 HOH WAT A . 
C 3 HOH 3   203 203 HOH WAT A . 
C 3 HOH 4   204 204 HOH WAT A . 
C 3 HOH 5   205 205 HOH WAT A . 
C 3 HOH 6   206 206 HOH WAT A . 
C 3 HOH 7   207 207 HOH WAT A . 
C 3 HOH 8   208 208 HOH WAT A . 
C 3 HOH 9   209 209 HOH WAT A . 
C 3 HOH 10  210 210 HOH WAT A . 
C 3 HOH 11  211 211 HOH WAT A . 
C 3 HOH 12  212 212 HOH WAT A . 
C 3 HOH 13  213 213 HOH WAT A . 
C 3 HOH 14  214 214 HOH WAT A . 
C 3 HOH 15  215 215 HOH WAT A . 
C 3 HOH 16  216 216 HOH WAT A . 
C 3 HOH 17  217 217 HOH WAT A . 
C 3 HOH 18  218 218 HOH WAT A . 
C 3 HOH 19  219 219 HOH WAT A . 
C 3 HOH 20  220 220 HOH WAT A . 
C 3 HOH 21  221 221 HOH WAT A . 
C 3 HOH 22  222 222 HOH WAT A . 
C 3 HOH 23  223 223 HOH WAT A . 
C 3 HOH 24  224 224 HOH WAT A . 
C 3 HOH 25  225 225 HOH WAT A . 
C 3 HOH 26  226 226 HOH WAT A . 
C 3 HOH 27  227 227 HOH WAT A . 
C 3 HOH 28  228 228 HOH WAT A . 
C 3 HOH 29  229 229 HOH WAT A . 
C 3 HOH 30  230 230 HOH WAT A . 
C 3 HOH 31  231 231 HOH WAT A . 
C 3 HOH 32  232 232 HOH WAT A . 
C 3 HOH 33  233 233 HOH WAT A . 
C 3 HOH 34  234 234 HOH WAT A . 
C 3 HOH 35  235 235 HOH WAT A . 
C 3 HOH 36  236 236 HOH WAT A . 
C 3 HOH 37  237 237 HOH WAT A . 
C 3 HOH 38  238 238 HOH WAT A . 
C 3 HOH 39  239 239 HOH WAT A . 
C 3 HOH 40  240 240 HOH WAT A . 
C 3 HOH 41  241 241 HOH WAT A . 
C 3 HOH 42  242 242 HOH WAT A . 
C 3 HOH 43  243 243 HOH WAT A . 
C 3 HOH 44  244 244 HOH WAT A . 
C 3 HOH 45  245 245 HOH WAT A . 
C 3 HOH 46  246 246 HOH WAT A . 
C 3 HOH 47  247 247 HOH WAT A . 
C 3 HOH 48  248 248 HOH WAT A . 
C 3 HOH 49  249 249 HOH WAT A . 
C 3 HOH 50  250 250 HOH WAT A . 
C 3 HOH 51  251 251 HOH WAT A . 
C 3 HOH 52  252 252 HOH WAT A . 
C 3 HOH 53  253 253 HOH WAT A . 
C 3 HOH 54  254 254 HOH WAT A . 
C 3 HOH 55  255 255 HOH WAT A . 
C 3 HOH 56  256 256 HOH WAT A . 
C 3 HOH 57  257 257 HOH WAT A . 
C 3 HOH 58  258 258 HOH WAT A . 
C 3 HOH 59  259 259 HOH WAT A . 
C 3 HOH 60  260 260 HOH WAT A . 
C 3 HOH 61  261 261 HOH WAT A . 
C 3 HOH 62  262 262 HOH WAT A . 
C 3 HOH 63  263 263 HOH WAT A . 
C 3 HOH 64  264 264 HOH WAT A . 
C 3 HOH 65  265 265 HOH WAT A . 
C 3 HOH 66  266 266 HOH WAT A . 
C 3 HOH 67  267 267 HOH WAT A . 
C 3 HOH 68  268 268 HOH WAT A . 
C 3 HOH 69  269 269 HOH WAT A . 
C 3 HOH 70  270 270 HOH WAT A . 
C 3 HOH 71  271 271 HOH WAT A . 
C 3 HOH 72  272 272 HOH WAT A . 
C 3 HOH 73  273 273 HOH WAT A . 
C 3 HOH 74  274 274 HOH WAT A . 
C 3 HOH 75  275 275 HOH WAT A . 
C 3 HOH 76  276 276 HOH WAT A . 
C 3 HOH 77  277 277 HOH WAT A . 
C 3 HOH 78  278 278 HOH WAT A . 
C 3 HOH 79  279 279 HOH WAT A . 
C 3 HOH 80  280 280 HOH WAT A . 
C 3 HOH 81  281 281 HOH WAT A . 
C 3 HOH 82  282 282 HOH WAT A . 
C 3 HOH 83  283 283 HOH WAT A . 
C 3 HOH 84  284 284 HOH WAT A . 
C 3 HOH 85  285 285 HOH WAT A . 
C 3 HOH 86  286 286 HOH WAT A . 
C 3 HOH 87  287 287 HOH WAT A . 
C 3 HOH 88  288 288 HOH WAT A . 
C 3 HOH 89  289 289 HOH WAT A . 
C 3 HOH 90  290 290 HOH WAT A . 
C 3 HOH 91  291 291 HOH WAT A . 
C 3 HOH 92  292 292 HOH WAT A . 
C 3 HOH 93  293 293 HOH WAT A . 
C 3 HOH 94  294 294 HOH WAT A . 
C 3 HOH 95  295 295 HOH WAT A . 
C 3 HOH 96  296 296 HOH WAT A . 
C 3 HOH 97  297 297 HOH WAT A . 
C 3 HOH 98  298 298 HOH WAT A . 
C 3 HOH 99  299 299 HOH WAT A . 
C 3 HOH 100 300 300 HOH WAT A . 
C 3 HOH 101 301 301 HOH WAT A . 
C 3 HOH 102 302 302 HOH WAT A . 
C 3 HOH 103 303 303 HOH WAT A . 
C 3 HOH 104 304 304 HOH WAT A . 
C 3 HOH 105 305 305 HOH WAT A . 
C 3 HOH 106 306 306 HOH WAT A . 
C 3 HOH 107 307 307 HOH WAT A . 
C 3 HOH 108 308 308 HOH WAT A . 
C 3 HOH 109 309 309 HOH WAT A . 
C 3 HOH 110 310 310 HOH WAT A . 
C 3 HOH 111 311 311 HOH WAT A . 
C 3 HOH 112 312 312 HOH WAT A . 
C 3 HOH 113 313 313 HOH WAT A . 
C 3 HOH 114 314 314 HOH WAT A . 
C 3 HOH 115 315 315 HOH WAT A . 
C 3 HOH 116 316 316 HOH WAT A . 
# 
loop_
_software.name 
_software.classification 
_software.version 
_software.citation_id 
_software.pdbx_ordinal 
CNS      refinement       1.1 ? 1 
HKL-3000 'data reduction' .   ? 2 
HKL-3000 'data scaling'   .   ? 3 
CNS      phasing          .   ? 4 
# 
_cell.entry_id           3CU4 
_cell.length_a           38.080 
_cell.length_b           40.190 
_cell.length_c           48.420 
_cell.angle_alpha        90.00 
_cell.angle_beta         90.00 
_cell.angle_gamma        90.00 
_cell.Z_PDB              4 
_cell.pdbx_unique_axis   ? 
_cell.length_a_esd       ? 
_cell.length_b_esd       ? 
_cell.length_c_esd       ? 
_cell.angle_alpha_esd    ? 
_cell.angle_beta_esd     ? 
_cell.angle_gamma_esd    ? 
# 
_symmetry.entry_id                         3CU4 
_symmetry.space_group_name_H-M             'P 21 21 21' 
_symmetry.pdbx_full_space_group_name_H-M   ? 
_symmetry.cell_setting                     ? 
_symmetry.Int_Tables_number                19 
_symmetry.space_group_name_Hall            ? 
# 
_exptl.entry_id          3CU4 
_exptl.method            'X-RAY DIFFRACTION' 
_exptl.crystals_number   1 
# 
_exptl_crystal.id                    1 
_exptl_crystal.density_meas          ? 
_exptl_crystal.density_Matthews      2.14 
_exptl_crystal.density_percent_sol   42.44 
_exptl_crystal.description           ? 
_exptl_crystal.F_000                 ? 
_exptl_crystal.preparation           ? 
# 
_exptl_crystal_grow.crystal_id      1 
_exptl_crystal_grow.method          'VAPOR DIFFUSION' 
_exptl_crystal_grow.temp            298 
_exptl_crystal_grow.temp_details    ? 
_exptl_crystal_grow.pH              5.0 
_exptl_crystal_grow.pdbx_details    
'1.2 M trisodium citrate, 0.1 M Tris pH 8.5 (Salt Rx screen-22), microseeding, pH 5.0, VAPOR DIFFUSION, temperature 298K' 
_exptl_crystal_grow.pdbx_pH_range   . 
# 
_diffrn.id                     1 
_diffrn.ambient_temp           100 
_diffrn.ambient_temp_details   ? 
_diffrn.crystal_id             1 
# 
_diffrn_detector.diffrn_id              1 
_diffrn_detector.detector               CCD 
_diffrn_detector.type                   CUSTOM-MADE 
_diffrn_detector.pdbx_collection_date   2007-07-13 
_diffrn_detector.details                ? 
# 
_diffrn_radiation.diffrn_id                        1 
_diffrn_radiation.wavelength_id                    1 
_diffrn_radiation.pdbx_monochromatic_or_laue_m_l   M 
_diffrn_radiation.monochromator                    ? 
_diffrn_radiation.pdbx_diffrn_protocol             'SINGLE WAVELENGTH' 
_diffrn_radiation.pdbx_scattering_type             x-ray 
# 
_diffrn_radiation_wavelength.id           1 
_diffrn_radiation_wavelength.wavelength   0.97911 
_diffrn_radiation_wavelength.wt           1.0 
# 
_diffrn_source.diffrn_id                   1 
_diffrn_source.source                      SYNCHROTRON 
_diffrn_source.type                        'APS BEAMLINE 19-BM' 
_diffrn_source.pdbx_synchrotron_site       APS 
_diffrn_source.pdbx_synchrotron_beamline   19-BM 
_diffrn_source.pdbx_wavelength             ? 
_diffrn_source.pdbx_wavelength_list        0.97911 
# 
_reflns.entry_id                     3CU4 
_reflns.observed_criterion_sigma_I   ? 
_reflns.observed_criterion_sigma_F   ? 
_reflns.d_resolution_low             50.0 
_reflns.d_resolution_high            1.30 
_reflns.number_obs                   33541 
_reflns.number_all                   33541 
_reflns.percent_possible_obs         96.0 
_reflns.pdbx_Rmerge_I_obs            0.037 
_reflns.pdbx_Rsym_value              ? 
_reflns.pdbx_netI_over_sigmaI        42.4 
_reflns.B_iso_Wilson_estimate        5.9 
_reflns.pdbx_redundancy              4.2 
_reflns.R_free_details               ? 
_reflns.limit_h_max                  ? 
_reflns.limit_h_min                  ? 
_reflns.limit_k_max                  ? 
_reflns.limit_k_min                  ? 
_reflns.limit_l_max                  ? 
_reflns.limit_l_min                  ? 
_reflns.observed_criterion_F_max     ? 
_reflns.observed_criterion_F_min     ? 
_reflns.pdbx_chi_squared             ? 
_reflns.pdbx_scaling_rejects         ? 
_reflns.pdbx_diffrn_id               1 
_reflns.pdbx_ordinal                 1 
# 
_reflns_shell.d_res_high             1.30 
_reflns_shell.d_res_low              1.31 
_reflns_shell.percent_possible_all   70 
_reflns_shell.Rmerge_I_obs           0.105 
_reflns_shell.pdbx_Rsym_value        ? 
_reflns_shell.meanI_over_sigI_obs    9.7 
_reflns_shell.pdbx_redundancy        2.7 
_reflns_shell.percent_possible_obs   ? 
_reflns_shell.number_unique_all      617 
_reflns_shell.number_measured_all    ? 
_reflns_shell.number_measured_obs    ? 
_reflns_shell.number_unique_obs      ? 
_reflns_shell.pdbx_chi_squared       ? 
_reflns_shell.pdbx_diffrn_id         ? 
_reflns_shell.pdbx_ordinal           1 
# 
_refine.entry_id                                 3CU4 
_refine.ls_number_reflns_obs                     33541 
_refine.ls_number_reflns_all                     33541 
_refine.pdbx_ls_sigma_I                          ? 
_refine.pdbx_ls_sigma_F                          0.0 
_refine.pdbx_data_cutoff_high_absF               134653.74 
_refine.pdbx_data_cutoff_low_absF                0.000000 
_refine.pdbx_data_cutoff_high_rms_absF           ? 
_refine.ls_d_res_low                             24.01 
_refine.ls_d_res_high                            1.30 
_refine.ls_percent_reflns_obs                    94.8 
_refine.ls_R_factor_obs                          0.169 
_refine.ls_R_factor_all                          ? 
_refine.ls_R_factor_R_work                       0.169 
_refine.ls_R_factor_R_free                       0.183 
_refine.ls_R_factor_R_free_error                 0.003 
_refine.ls_R_factor_R_free_error_details         ? 
_refine.ls_percent_reflns_R_free                 9.7 
_refine.ls_number_reflns_R_free                  3243 
_refine.ls_number_parameters                     ? 
_refine.ls_number_restraints                     ? 
_refine.occupancy_min                            ? 
_refine.occupancy_max                            ? 
_refine.correlation_coeff_Fo_to_Fc               ? 
_refine.correlation_coeff_Fo_to_Fc_free          ? 
_refine.B_iso_mean                               11.0 
_refine.aniso_B[1][1]                            0.70 
_refine.aniso_B[2][2]                            0.91 
_refine.aniso_B[3][3]                            -1.61 
_refine.aniso_B[1][2]                            0.00 
_refine.aniso_B[1][3]                            0.00 
_refine.aniso_B[2][3]                            0.00 
_refine.solvent_model_details                    'FLAT MODEL' 
_refine.solvent_model_param_ksol                 0.413536 
_refine.solvent_model_param_bsol                 47.2274 
_refine.pdbx_solvent_vdw_probe_radii             ? 
_refine.pdbx_solvent_ion_probe_radii             ? 
_refine.pdbx_solvent_shrinkage_radii             ? 
_refine.pdbx_ls_cross_valid_method               THROUGHOUT 
_refine.details                                  
;THE FOLLOWING SIDE CHAIN ATOMS HAVE WEAK
DENSITY AND ARE PROBABLY DISORDERED: 
HIS47:CD2,ND1,CE1,NE2 
GLU49:CD,OE1,OE2 
ARG56:NE,CZ,NH1,NH2 
LYS94:CE,NZ GLU97:CD,OE1,OE2
;
_refine.pdbx_starting_model                      ? 
_refine.pdbx_method_to_determine_struct          SAD 
_refine.pdbx_isotropic_thermal_model             RESTRAINED 
_refine.pdbx_stereochemistry_target_values       'Engh & Huber' 
_refine.pdbx_stereochem_target_val_spec_case     ? 
_refine.pdbx_R_Free_selection_details            RANDOM 
_refine.pdbx_overall_ESU_R                       ? 
_refine.pdbx_overall_ESU_R_Free                  ? 
_refine.overall_SU_ML                            ? 
_refine.overall_SU_B                             ? 
_refine.ls_redundancy_reflns_obs                 ? 
_refine.B_iso_min                                ? 
_refine.B_iso_max                                ? 
_refine.overall_SU_R_Cruickshank_DPI             ? 
_refine.overall_SU_R_free                        ? 
_refine.ls_wR_factor_R_free                      ? 
_refine.ls_wR_factor_R_work                      ? 
_refine.overall_FOM_free_R_set                   ? 
_refine.overall_FOM_work_R_set                   ? 
_refine.pdbx_overall_phase_error                 ? 
_refine.pdbx_refine_id                           'X-RAY DIFFRACTION' 
_refine.pdbx_diffrn_id                           1 
_refine.pdbx_TLS_residual_ADP_flag               ? 
_refine.pdbx_overall_SU_R_free_Cruickshank_DPI   ? 
_refine.pdbx_overall_SU_R_Blow_DPI               ? 
_refine.pdbx_overall_SU_R_free_Blow_DPI          ? 
# 
_refine_analyze.entry_id                        3CU4 
_refine_analyze.Luzzati_coordinate_error_obs    0.12 
_refine_analyze.Luzzati_sigma_a_obs             -0.02 
_refine_analyze.Luzzati_d_res_low_obs           5.00 
_refine_analyze.Luzzati_coordinate_error_free   0.13 
_refine_analyze.Luzzati_sigma_a_free            ? 
_refine_analyze.Luzzati_d_res_low_free          ? 
_refine_analyze.number_disordered_residues      ? 
_refine_analyze.occupancy_sum_hydrogen          ? 
_refine_analyze.occupancy_sum_non_hydrogen      ? 
_refine_analyze.pdbx_Luzzati_d_res_high_obs     ? 
_refine_analyze.pdbx_refine_id                  'X-RAY DIFFRACTION' 
# 
_refine_hist.pdbx_refine_id                   'X-RAY DIFFRACTION' 
_refine_hist.cycle_id                         LAST 
_refine_hist.pdbx_number_atoms_protein        579 
_refine_hist.pdbx_number_atoms_nucleic_acid   0 
_refine_hist.pdbx_number_atoms_ligand         43 
_refine_hist.number_atoms_solvent             116 
_refine_hist.number_atoms_total               738 
_refine_hist.d_res_high                       1.30 
_refine_hist.d_res_low                        24.01 
# 
loop_
_refine_ls_restr.type 
_refine_ls_restr.dev_ideal 
_refine_ls_restr.dev_ideal_target 
_refine_ls_restr.weight 
_refine_ls_restr.number 
_refine_ls_restr.pdbx_refine_id 
_refine_ls_restr.pdbx_restraint_function 
c_bond_d           0.006 ?    ? ? 'X-RAY DIFFRACTION' ? 
c_angle_deg        2.1   ?    ? ? 'X-RAY DIFFRACTION' ? 
c_dihedral_angle_d 22.0  ?    ? ? 'X-RAY DIFFRACTION' ? 
c_improper_angle_d 1.31  ?    ? ? 'X-RAY DIFFRACTION' ? 
c_mcbond_it        0.94  1.50 ? ? 'X-RAY DIFFRACTION' ? 
c_mcangle_it       1.39  2.00 ? ? 'X-RAY DIFFRACTION' ? 
c_scbond_it        1.69  2.00 ? ? 'X-RAY DIFFRACTION' ? 
c_scangle_it       2.46  2.50 ? ? 'X-RAY DIFFRACTION' ? 
# 
_refine_ls_shell.pdbx_total_number_of_bins_used   6 
_refine_ls_shell.d_res_high                       1.30 
_refine_ls_shell.d_res_low                        1.38 
_refine_ls_shell.number_reflns_R_work             4007 
_refine_ls_shell.R_factor_R_work                  0.176 
_refine_ls_shell.percent_reflns_obs               76.2 
_refine_ls_shell.R_factor_R_free                  0.180 
_refine_ls_shell.R_factor_R_free_error            0.008 
_refine_ls_shell.percent_reflns_R_free            10.3 
_refine_ls_shell.number_reflns_R_free             461 
_refine_ls_shell.number_reflns_all                ? 
_refine_ls_shell.R_factor_all                     ? 
_refine_ls_shell.number_reflns_obs                4007 
_refine_ls_shell.redundancy_reflns_obs            ? 
_refine_ls_shell.pdbx_refine_id                   'X-RAY DIFFRACTION' 
# 
loop_
_pdbx_xplor_file.serial_no 
_pdbx_xplor_file.param_file 
_pdbx_xplor_file.topol_file 
_pdbx_xplor_file.pdbx_refine_id 
1 protein_rep.param protein.top 'X-RAY DIFFRACTION' 
2 water_rep.param   water.top   'X-RAY DIFFRACTION' 
3 hem.param         hem.top     'X-RAY DIFFRACTION' 
# 
_struct.entry_id                  3CU4 
_struct.title                     'OmcF, Outer membrance cytochrome F from Geobacter sulfurreducens' 
_struct.pdbx_model_details        ? 
_struct.pdbx_CASP_flag            ? 
_struct.pdbx_model_type_details   ? 
# 
_struct_keywords.entry_id        3CU4 
_struct_keywords.pdbx_keywords   'ELECTRON TRANSPORT' 
_struct_keywords.text            'cytochrome c6, Geobacter sulfurreducens, monoheme cytochrome, ELECTRON TRANSPORT' 
# 
loop_
_struct_asym.id 
_struct_asym.pdbx_blank_PDB_chainid_flag 
_struct_asym.pdbx_modified 
_struct_asym.entity_id 
_struct_asym.details 
A N N 1 ? 
B N N 2 ? 
C N N 3 ? 
# 
_struct_ref.id                         1 
_struct_ref.db_name                    UNP 
_struct_ref.db_code                    Q74AE4_GEOSL 
_struct_ref.pdbx_db_accession          Q74AE4 
_struct_ref.entity_id                  1 
_struct_ref.pdbx_seq_one_letter_code   
;SGGSGAGGGELFATHCAGCHPQGGNTVHPEKTLARARREANGIRTVRDVAAYIRNPGPGMPAFGEAMIPPADALKIGEYV
VASFP
;
_struct_ref.pdbx_align_begin           20 
_struct_ref.pdbx_db_isoform            ? 
# 
_struct_ref_seq.align_id                      1 
_struct_ref_seq.ref_id                        1 
_struct_ref_seq.pdbx_PDB_id_code              3CU4 
_struct_ref_seq.pdbx_strand_id                A 
_struct_ref_seq.seq_align_beg                 1 
_struct_ref_seq.pdbx_seq_align_beg_ins_code   ? 
_struct_ref_seq.seq_align_end                 85 
_struct_ref_seq.pdbx_seq_align_end_ins_code   ? 
_struct_ref_seq.pdbx_db_accession             Q74AE4 
_struct_ref_seq.db_align_beg                  20 
_struct_ref_seq.pdbx_db_align_beg_ins_code    ? 
_struct_ref_seq.db_align_end                  104 
_struct_ref_seq.pdbx_db_align_end_ins_code    ? 
_struct_ref_seq.pdbx_auth_seq_align_beg       20 
_struct_ref_seq.pdbx_auth_seq_align_end       104 
# 
_pdbx_struct_assembly.id                   1 
_pdbx_struct_assembly.details              software_defined_assembly 
_pdbx_struct_assembly.method_details       PISA 
_pdbx_struct_assembly.oligomeric_details   monomeric 
_pdbx_struct_assembly.oligomeric_count     1 
# 
_pdbx_struct_assembly_gen.assembly_id       1 
_pdbx_struct_assembly_gen.oper_expression   1 
_pdbx_struct_assembly_gen.asym_id_list      A,B,C 
# 
_pdbx_struct_oper_list.id                   1 
_pdbx_struct_oper_list.type                 'identity operation' 
_pdbx_struct_oper_list.name                 1_555 
_pdbx_struct_oper_list.symmetry_operation   x,y,z 
_pdbx_struct_oper_list.matrix[1][1]         1.0000000000 
_pdbx_struct_oper_list.matrix[1][2]         0.0000000000 
_pdbx_struct_oper_list.matrix[1][3]         0.0000000000 
_pdbx_struct_oper_list.vector[1]            0.0000000000 
_pdbx_struct_oper_list.matrix[2][1]         0.0000000000 
_pdbx_struct_oper_list.matrix[2][2]         1.0000000000 
_pdbx_struct_oper_list.matrix[2][3]         0.0000000000 
_pdbx_struct_oper_list.vector[2]            0.0000000000 
_pdbx_struct_oper_list.matrix[3][1]         0.0000000000 
_pdbx_struct_oper_list.matrix[3][2]         0.0000000000 
_pdbx_struct_oper_list.matrix[3][3]         1.0000000000 
_pdbx_struct_oper_list.vector[3]            0.0000000000 
# 
_struct_biol.id        1 
_struct_biol.details   ? 
# 
loop_
_struct_conf.conf_type_id 
_struct_conf.id 
_struct_conf.pdbx_PDB_helix_id 
_struct_conf.beg_label_comp_id 
_struct_conf.beg_label_asym_id 
_struct_conf.beg_label_seq_id 
_struct_conf.pdbx_beg_PDB_ins_code 
_struct_conf.end_label_comp_id 
_struct_conf.end_label_asym_id 
_struct_conf.end_label_seq_id 
_struct_conf.pdbx_end_PDB_ins_code 
_struct_conf.beg_auth_comp_id 
_struct_conf.beg_auth_asym_id 
_struct_conf.beg_auth_seq_id 
_struct_conf.end_auth_comp_id 
_struct_conf.end_auth_asym_id 
_struct_conf.end_auth_seq_id 
_struct_conf.pdbx_PDB_helix_class 
_struct_conf.details 
_struct_conf.pdbx_PDB_helix_length 
HELX_P HELX_P1 1 GLY A 7  ? CYS A 16 ? GLY A 26 CYS A 35  1 ? 10 
HELX_P HELX_P2 2 HIS A 20 ? GLY A 24 ? HIS A 39 GLY A 43  5 ? 5  
HELX_P HELX_P3 3 ALA A 34 ? ASN A 41 ? ALA A 53 ASN A 60  1 ? 8  
HELX_P HELX_P4 4 THR A 45 ? ILE A 53 ? THR A 64 ILE A 72  1 ? 9  
HELX_P HELX_P5 5 PRO A 69 ? PHE A 84 ? PRO A 88 PHE A 103 1 ? 16 
# 
_struct_conf_type.id          HELX_P 
_struct_conf_type.criteria    ? 
_struct_conf_type.reference   ? 
# 
loop_
_struct_conn.id 
_struct_conn.conn_type_id 
_struct_conn.pdbx_leaving_atom_flag 
_struct_conn.pdbx_PDB_id 
_struct_conn.ptnr1_label_asym_id 
_struct_conn.ptnr1_label_comp_id 
_struct_conn.ptnr1_label_seq_id 
_struct_conn.ptnr1_label_atom_id 
_struct_conn.pdbx_ptnr1_label_alt_id 
_struct_conn.pdbx_ptnr1_PDB_ins_code 
_struct_conn.pdbx_ptnr1_standard_comp_id 
_struct_conn.ptnr1_symmetry 
_struct_conn.ptnr2_label_asym_id 
_struct_conn.ptnr2_label_comp_id 
_struct_conn.ptnr2_label_seq_id 
_struct_conn.ptnr2_label_atom_id 
_struct_conn.pdbx_ptnr2_label_alt_id 
_struct_conn.pdbx_ptnr2_PDB_ins_code 
_struct_conn.ptnr1_auth_asym_id 
_struct_conn.ptnr1_auth_comp_id 
_struct_conn.ptnr1_auth_seq_id 
_struct_conn.ptnr2_auth_asym_id 
_struct_conn.ptnr2_auth_comp_id 
_struct_conn.ptnr2_auth_seq_id 
_struct_conn.ptnr2_symmetry 
_struct_conn.pdbx_ptnr3_label_atom_id 
_struct_conn.pdbx_ptnr3_label_seq_id 
_struct_conn.pdbx_ptnr3_label_comp_id 
_struct_conn.pdbx_ptnr3_label_asym_id 
_struct_conn.pdbx_ptnr3_label_alt_id 
_struct_conn.pdbx_ptnr3_PDB_ins_code 
_struct_conn.details 
_struct_conn.pdbx_dist_value 
_struct_conn.pdbx_value_order 
_struct_conn.pdbx_role 
metalc1 metalc ? ? A HIS 20 NE2 ? ? ? 1_555 B HEM . FE ? ? A HIS 39 A HEM 199 1_555 ? ? ? ? ? ? ? 1.991 ? ? 
metalc2 metalc ? ? A MET 60 SD  ? ? ? 1_555 B HEM . FE ? ? A MET 79 A HEM 199 1_555 ? ? ? ? ? ? ? 2.320 ? ? 
# 
_struct_conn_type.id          metalc 
_struct_conn_type.criteria    ? 
_struct_conn_type.reference   ? 
# 
loop_
_pdbx_struct_conn_angle.id 
_pdbx_struct_conn_angle.ptnr1_label_atom_id 
_pdbx_struct_conn_angle.ptnr1_label_alt_id 
_pdbx_struct_conn_angle.ptnr1_label_asym_id 
_pdbx_struct_conn_angle.ptnr1_label_comp_id 
_pdbx_struct_conn_angle.ptnr1_label_seq_id 
_pdbx_struct_conn_angle.ptnr1_auth_atom_id 
_pdbx_struct_conn_angle.ptnr1_auth_asym_id 
_pdbx_struct_conn_angle.ptnr1_auth_comp_id 
_pdbx_struct_conn_angle.ptnr1_auth_seq_id 
_pdbx_struct_conn_angle.ptnr1_PDB_ins_code 
_pdbx_struct_conn_angle.ptnr1_symmetry 
_pdbx_struct_conn_angle.ptnr2_label_atom_id 
_pdbx_struct_conn_angle.ptnr2_label_alt_id 
_pdbx_struct_conn_angle.ptnr2_label_asym_id 
_pdbx_struct_conn_angle.ptnr2_label_comp_id 
_pdbx_struct_conn_angle.ptnr2_label_seq_id 
_pdbx_struct_conn_angle.ptnr2_auth_atom_id 
_pdbx_struct_conn_angle.ptnr2_auth_asym_id 
_pdbx_struct_conn_angle.ptnr2_auth_comp_id 
_pdbx_struct_conn_angle.ptnr2_auth_seq_id 
_pdbx_struct_conn_angle.ptnr2_PDB_ins_code 
_pdbx_struct_conn_angle.ptnr2_symmetry 
_pdbx_struct_conn_angle.ptnr3_label_atom_id 
_pdbx_struct_conn_angle.ptnr3_label_alt_id 
_pdbx_struct_conn_angle.ptnr3_label_asym_id 
_pdbx_struct_conn_angle.ptnr3_label_comp_id 
_pdbx_struct_conn_angle.ptnr3_label_seq_id 
_pdbx_struct_conn_angle.ptnr3_auth_atom_id 
_pdbx_struct_conn_angle.ptnr3_auth_asym_id 
_pdbx_struct_conn_angle.ptnr3_auth_comp_id 
_pdbx_struct_conn_angle.ptnr3_auth_seq_id 
_pdbx_struct_conn_angle.ptnr3_PDB_ins_code 
_pdbx_struct_conn_angle.ptnr3_symmetry 
_pdbx_struct_conn_angle.value 
_pdbx_struct_conn_angle.value_esd 
1  NE2 ? A HIS 20 ? A HIS 39  ? 1_555 FE ? B HEM . ? A HEM 199 ? 1_555 NA ? B HEM .  ? A HEM 199 ? 1_555 90.0  ? 
2  NE2 ? A HIS 20 ? A HIS 39  ? 1_555 FE ? B HEM . ? A HEM 199 ? 1_555 NB ? B HEM .  ? A HEM 199 ? 1_555 89.5  ? 
3  NA  ? B HEM .  ? A HEM 199 ? 1_555 FE ? B HEM . ? A HEM 199 ? 1_555 NB ? B HEM .  ? A HEM 199 ? 1_555 90.2  ? 
4  NE2 ? A HIS 20 ? A HIS 39  ? 1_555 FE ? B HEM . ? A HEM 199 ? 1_555 NC ? B HEM .  ? A HEM 199 ? 1_555 89.3  ? 
5  NA  ? B HEM .  ? A HEM 199 ? 1_555 FE ? B HEM . ? A HEM 199 ? 1_555 NC ? B HEM .  ? A HEM 199 ? 1_555 178.9 ? 
6  NB  ? B HEM .  ? A HEM 199 ? 1_555 FE ? B HEM . ? A HEM 199 ? 1_555 NC ? B HEM .  ? A HEM 199 ? 1_555 90.6  ? 
7  NE2 ? A HIS 20 ? A HIS 39  ? 1_555 FE ? B HEM . ? A HEM 199 ? 1_555 ND ? B HEM .  ? A HEM 199 ? 1_555 91.9  ? 
8  NA  ? B HEM .  ? A HEM 199 ? 1_555 FE ? B HEM . ? A HEM 199 ? 1_555 ND ? B HEM .  ? A HEM 199 ? 1_555 89.9  ? 
9  NB  ? B HEM .  ? A HEM 199 ? 1_555 FE ? B HEM . ? A HEM 199 ? 1_555 ND ? B HEM .  ? A HEM 199 ? 1_555 178.6 ? 
10 NC  ? B HEM .  ? A HEM 199 ? 1_555 FE ? B HEM . ? A HEM 199 ? 1_555 ND ? B HEM .  ? A HEM 199 ? 1_555 89.3  ? 
11 NE2 ? A HIS 20 ? A HIS 39  ? 1_555 FE ? B HEM . ? A HEM 199 ? 1_555 SD ? A MET 60 ? A MET 79  ? 1_555 177.5 ? 
12 NA  ? B HEM .  ? A HEM 199 ? 1_555 FE ? B HEM . ? A HEM 199 ? 1_555 SD ? A MET 60 ? A MET 79  ? 1_555 87.5  ? 
13 NB  ? B HEM .  ? A HEM 199 ? 1_555 FE ? B HEM . ? A HEM 199 ? 1_555 SD ? A MET 60 ? A MET 79  ? 1_555 90.8  ? 
14 NC  ? B HEM .  ? A HEM 199 ? 1_555 FE ? B HEM . ? A HEM 199 ? 1_555 SD ? A MET 60 ? A MET 79  ? 1_555 93.2  ? 
15 ND  ? B HEM .  ? A HEM 199 ? 1_555 FE ? B HEM . ? A HEM 199 ? 1_555 SD ? A MET 60 ? A MET 79  ? 1_555 87.8  ? 
# 
_struct_site.id                   AC1 
_struct_site.pdbx_evidence_code   Software 
_struct_site.pdbx_auth_asym_id    A 
_struct_site.pdbx_auth_comp_id    HEM 
_struct_site.pdbx_auth_seq_id     199 
_struct_site.pdbx_auth_ins_code   ? 
_struct_site.pdbx_num_residues    21 
_struct_site.details              'BINDING SITE FOR RESIDUE HEM A 199' 
# 
loop_
_struct_site_gen.id 
_struct_site_gen.site_id 
_struct_site_gen.pdbx_num_res 
_struct_site_gen.label_comp_id 
_struct_site_gen.label_asym_id 
_struct_site_gen.label_seq_id 
_struct_site_gen.pdbx_auth_ins_code 
_struct_site_gen.auth_comp_id 
_struct_site_gen.auth_asym_id 
_struct_site_gen.auth_seq_id 
_struct_site_gen.label_atom_id 
_struct_site_gen.label_alt_id 
_struct_site_gen.symmetry 
_struct_site_gen.details 
1  AC1 21 HIS A 15 ? HIS A 34  . ? 1_555 ? 
2  AC1 21 CYS A 16 ? CYS A 35  . ? 1_555 ? 
3  AC1 21 CYS A 19 ? CYS A 38  . ? 1_555 ? 
4  AC1 21 HIS A 20 ? HIS A 39  . ? 1_555 ? 
5  AC1 21 ASN A 25 ? ASN A 44  . ? 1_555 ? 
6  AC1 21 HIS A 28 ? HIS A 47  . ? 1_555 ? 
7  AC1 21 LYS A 31 ? LYS A 50  . ? 1_555 ? 
8  AC1 21 LEU A 33 ? LEU A 52  . ? 1_555 ? 
9  AC1 21 ASN A 41 ? ASN A 60  . ? 1_555 ? 
10 AC1 21 ILE A 43 ? ILE A 62  . ? 1_555 ? 
11 AC1 21 TYR A 52 ? TYR A 71  . ? 1_555 ? 
12 AC1 21 GLY A 57 ? GLY A 76  . ? 1_555 ? 
13 AC1 21 PRO A 58 ? PRO A 77  . ? 1_555 ? 
14 AC1 21 MET A 60 ? MET A 79  . ? 1_555 ? 
15 AC1 21 PRO A 61 ? PRO A 80  . ? 1_555 ? 
16 AC1 21 ILE A 76 ? ILE A 95  . ? 1_555 ? 
17 AC1 21 HOH C .  ? HOH A 201 . ? 1_555 ? 
18 AC1 21 HOH C .  ? HOH A 205 . ? 1_555 ? 
19 AC1 21 HOH C .  ? HOH A 234 . ? 1_555 ? 
20 AC1 21 HOH C .  ? HOH A 290 . ? 1_555 ? 
21 AC1 21 HOH C .  ? HOH A 307 . ? 1_555 ? 
# 
loop_
_pdbx_validate_close_contact.id 
_pdbx_validate_close_contact.PDB_model_num 
_pdbx_validate_close_contact.auth_atom_id_1 
_pdbx_validate_close_contact.auth_asym_id_1 
_pdbx_validate_close_contact.auth_comp_id_1 
_pdbx_validate_close_contact.auth_seq_id_1 
_pdbx_validate_close_contact.PDB_ins_code_1 
_pdbx_validate_close_contact.label_alt_id_1 
_pdbx_validate_close_contact.auth_atom_id_2 
_pdbx_validate_close_contact.auth_asym_id_2 
_pdbx_validate_close_contact.auth_comp_id_2 
_pdbx_validate_close_contact.auth_seq_id_2 
_pdbx_validate_close_contact.PDB_ins_code_2 
_pdbx_validate_close_contact.label_alt_id_2 
_pdbx_validate_close_contact.dist 
1 1 SG A CYS 35 ? ? CAB A HEM 199 ? ? 1.82 
2 1 SG A CYS 38 ? ? CAC A HEM 199 ? ? 1.82 
# 
_pdbx_validate_torsion.id              1 
_pdbx_validate_torsion.PDB_model_num   1 
_pdbx_validate_torsion.auth_comp_id    VAL 
_pdbx_validate_torsion.auth_asym_id    A 
_pdbx_validate_torsion.auth_seq_id     46 
_pdbx_validate_torsion.PDB_ins_code    ? 
_pdbx_validate_torsion.label_alt_id    ? 
_pdbx_validate_torsion.phi             -97.60 
_pdbx_validate_torsion.psi             -61.11 
# 
loop_
_pdbx_unobs_or_zero_occ_residues.id 
_pdbx_unobs_or_zero_occ_residues.PDB_model_num 
_pdbx_unobs_or_zero_occ_residues.polymer_flag 
_pdbx_unobs_or_zero_occ_residues.occupancy_flag 
_pdbx_unobs_or_zero_occ_residues.auth_asym_id 
_pdbx_unobs_or_zero_occ_residues.auth_comp_id 
_pdbx_unobs_or_zero_occ_residues.auth_seq_id 
_pdbx_unobs_or_zero_occ_residues.PDB_ins_code 
_pdbx_unobs_or_zero_occ_residues.label_asym_id 
_pdbx_unobs_or_zero_occ_residues.label_comp_id 
_pdbx_unobs_or_zero_occ_residues.label_seq_id 
1 1 Y 1 A SER 20 ? A SER 1 
2 1 Y 1 A GLY 21 ? A GLY 2 
3 1 Y 1 A GLY 22 ? A GLY 3 
4 1 Y 1 A SER 23 ? A SER 4 
5 1 Y 1 A GLY 24 ? A GLY 5 
6 1 Y 1 A ALA 25 ? A ALA 6 
# 
loop_
_chem_comp_atom.comp_id 
_chem_comp_atom.atom_id 
_chem_comp_atom.type_symbol 
_chem_comp_atom.pdbx_aromatic_flag 
_chem_comp_atom.pdbx_stereo_config 
_chem_comp_atom.pdbx_ordinal 
ALA N    N  N N 1   
ALA CA   C  N S 2   
ALA C    C  N N 3   
ALA O    O  N N 4   
ALA CB   C  N N 5   
ALA OXT  O  N N 6   
ALA H    H  N N 7   
ALA H2   H  N N 8   
ALA HA   H  N N 9   
ALA HB1  H  N N 10  
ALA HB2  H  N N 11  
ALA HB3  H  N N 12  
ALA HXT  H  N N 13  
ARG N    N  N N 14  
ARG CA   C  N S 15  
ARG C    C  N N 16  
ARG O    O  N N 17  
ARG CB   C  N N 18  
ARG CG   C  N N 19  
ARG CD   C  N N 20  
ARG NE   N  N N 21  
ARG CZ   C  N N 22  
ARG NH1  N  N N 23  
ARG NH2  N  N N 24  
ARG OXT  O  N N 25  
ARG H    H  N N 26  
ARG H2   H  N N 27  
ARG HA   H  N N 28  
ARG HB2  H  N N 29  
ARG HB3  H  N N 30  
ARG HG2  H  N N 31  
ARG HG3  H  N N 32  
ARG HD2  H  N N 33  
ARG HD3  H  N N 34  
ARG HE   H  N N 35  
ARG HH11 H  N N 36  
ARG HH12 H  N N 37  
ARG HH21 H  N N 38  
ARG HH22 H  N N 39  
ARG HXT  H  N N 40  
ASN N    N  N N 41  
ASN CA   C  N S 42  
ASN C    C  N N 43  
ASN O    O  N N 44  
ASN CB   C  N N 45  
ASN CG   C  N N 46  
ASN OD1  O  N N 47  
ASN ND2  N  N N 48  
ASN OXT  O  N N 49  
ASN H    H  N N 50  
ASN H2   H  N N 51  
ASN HA   H  N N 52  
ASN HB2  H  N N 53  
ASN HB3  H  N N 54  
ASN HD21 H  N N 55  
ASN HD22 H  N N 56  
ASN HXT  H  N N 57  
ASP N    N  N N 58  
ASP CA   C  N S 59  
ASP C    C  N N 60  
ASP O    O  N N 61  
ASP CB   C  N N 62  
ASP CG   C  N N 63  
ASP OD1  O  N N 64  
ASP OD2  O  N N 65  
ASP OXT  O  N N 66  
ASP H    H  N N 67  
ASP H2   H  N N 68  
ASP HA   H  N N 69  
ASP HB2  H  N N 70  
ASP HB3  H  N N 71  
ASP HD2  H  N N 72  
ASP HXT  H  N N 73  
CYS N    N  N N 74  
CYS CA   C  N R 75  
CYS C    C  N N 76  
CYS O    O  N N 77  
CYS CB   C  N N 78  
CYS SG   S  N N 79  
CYS OXT  O  N N 80  
CYS H    H  N N 81  
CYS H2   H  N N 82  
CYS HA   H  N N 83  
CYS HB2  H  N N 84  
CYS HB3  H  N N 85  
CYS HG   H  N N 86  
CYS HXT  H  N N 87  
GLN N    N  N N 88  
GLN CA   C  N S 89  
GLN C    C  N N 90  
GLN O    O  N N 91  
GLN CB   C  N N 92  
GLN CG   C  N N 93  
GLN CD   C  N N 94  
GLN OE1  O  N N 95  
GLN NE2  N  N N 96  
GLN OXT  O  N N 97  
GLN H    H  N N 98  
GLN H2   H  N N 99  
GLN HA   H  N N 100 
GLN HB2  H  N N 101 
GLN HB3  H  N N 102 
GLN HG2  H  N N 103 
GLN HG3  H  N N 104 
GLN HE21 H  N N 105 
GLN HE22 H  N N 106 
GLN HXT  H  N N 107 
GLU N    N  N N 108 
GLU CA   C  N S 109 
GLU C    C  N N 110 
GLU O    O  N N 111 
GLU CB   C  N N 112 
GLU CG   C  N N 113 
GLU CD   C  N N 114 
GLU OE1  O  N N 115 
GLU OE2  O  N N 116 
GLU OXT  O  N N 117 
GLU H    H  N N 118 
GLU H2   H  N N 119 
GLU HA   H  N N 120 
GLU HB2  H  N N 121 
GLU HB3  H  N N 122 
GLU HG2  H  N N 123 
GLU HG3  H  N N 124 
GLU HE2  H  N N 125 
GLU HXT  H  N N 126 
GLY N    N  N N 127 
GLY CA   C  N N 128 
GLY C    C  N N 129 
GLY O    O  N N 130 
GLY OXT  O  N N 131 
GLY H    H  N N 132 
GLY H2   H  N N 133 
GLY HA2  H  N N 134 
GLY HA3  H  N N 135 
GLY HXT  H  N N 136 
HEM CHA  C  N N 137 
HEM CHB  C  N N 138 
HEM CHC  C  N N 139 
HEM CHD  C  N N 140 
HEM C1A  C  Y N 141 
HEM C2A  C  Y N 142 
HEM C3A  C  Y N 143 
HEM C4A  C  Y N 144 
HEM CMA  C  N N 145 
HEM CAA  C  N N 146 
HEM CBA  C  N N 147 
HEM CGA  C  N N 148 
HEM O1A  O  N N 149 
HEM O2A  O  N N 150 
HEM C1B  C  N N 151 
HEM C2B  C  N N 152 
HEM C3B  C  N N 153 
HEM C4B  C  N N 154 
HEM CMB  C  N N 155 
HEM CAB  C  N N 156 
HEM CBB  C  N N 157 
HEM C1C  C  Y N 158 
HEM C2C  C  Y N 159 
HEM C3C  C  Y N 160 
HEM C4C  C  Y N 161 
HEM CMC  C  N N 162 
HEM CAC  C  N N 163 
HEM CBC  C  N N 164 
HEM C1D  C  N N 165 
HEM C2D  C  N N 166 
HEM C3D  C  N N 167 
HEM C4D  C  N N 168 
HEM CMD  C  N N 169 
HEM CAD  C  N N 170 
HEM CBD  C  N N 171 
HEM CGD  C  N N 172 
HEM O1D  O  N N 173 
HEM O2D  O  N N 174 
HEM NA   N  Y N 175 
HEM NB   N  N N 176 
HEM NC   N  Y N 177 
HEM ND   N  N N 178 
HEM FE   FE N N 179 
HEM HHB  H  N N 180 
HEM HHC  H  N N 181 
HEM HHD  H  N N 182 
HEM HMA  H  N N 183 
HEM HMAA H  N N 184 
HEM HMAB H  N N 185 
HEM HAA  H  N N 186 
HEM HAAA H  N N 187 
HEM HBA  H  N N 188 
HEM HBAA H  N N 189 
HEM HMB  H  N N 190 
HEM HMBA H  N N 191 
HEM HMBB H  N N 192 
HEM HAB  H  N N 193 
HEM HBB  H  N N 194 
HEM HBBA H  N N 195 
HEM HMC  H  N N 196 
HEM HMCA H  N N 197 
HEM HMCB H  N N 198 
HEM HAC  H  N N 199 
HEM HBC  H  N N 200 
HEM HBCA H  N N 201 
HEM HMD  H  N N 202 
HEM HMDA H  N N 203 
HEM HMDB H  N N 204 
HEM HAD  H  N N 205 
HEM HADA H  N N 206 
HEM HBD  H  N N 207 
HEM HBDA H  N N 208 
HEM H2A  H  N N 209 
HEM H2D  H  N N 210 
HEM HHA  H  N N 211 
HIS N    N  N N 212 
HIS CA   C  N S 213 
HIS C    C  N N 214 
HIS O    O  N N 215 
HIS CB   C  N N 216 
HIS CG   C  Y N 217 
HIS ND1  N  Y N 218 
HIS CD2  C  Y N 219 
HIS CE1  C  Y N 220 
HIS NE2  N  Y N 221 
HIS OXT  O  N N 222 
HIS H    H  N N 223 
HIS H2   H  N N 224 
HIS HA   H  N N 225 
HIS HB2  H  N N 226 
HIS HB3  H  N N 227 
HIS HD1  H  N N 228 
HIS HD2  H  N N 229 
HIS HE1  H  N N 230 
HIS HE2  H  N N 231 
HIS HXT  H  N N 232 
HOH O    O  N N 233 
HOH H1   H  N N 234 
HOH H2   H  N N 235 
ILE N    N  N N 236 
ILE CA   C  N S 237 
ILE C    C  N N 238 
ILE O    O  N N 239 
ILE CB   C  N S 240 
ILE CG1  C  N N 241 
ILE CG2  C  N N 242 
ILE CD1  C  N N 243 
ILE OXT  O  N N 244 
ILE H    H  N N 245 
ILE H2   H  N N 246 
ILE HA   H  N N 247 
ILE HB   H  N N 248 
ILE HG12 H  N N 249 
ILE HG13 H  N N 250 
ILE HG21 H  N N 251 
ILE HG22 H  N N 252 
ILE HG23 H  N N 253 
ILE HD11 H  N N 254 
ILE HD12 H  N N 255 
ILE HD13 H  N N 256 
ILE HXT  H  N N 257 
LEU N    N  N N 258 
LEU CA   C  N S 259 
LEU C    C  N N 260 
LEU O    O  N N 261 
LEU CB   C  N N 262 
LEU CG   C  N N 263 
LEU CD1  C  N N 264 
LEU CD2  C  N N 265 
LEU OXT  O  N N 266 
LEU H    H  N N 267 
LEU H2   H  N N 268 
LEU HA   H  N N 269 
LEU HB2  H  N N 270 
LEU HB3  H  N N 271 
LEU HG   H  N N 272 
LEU HD11 H  N N 273 
LEU HD12 H  N N 274 
LEU HD13 H  N N 275 
LEU HD21 H  N N 276 
LEU HD22 H  N N 277 
LEU HD23 H  N N 278 
LEU HXT  H  N N 279 
LYS N    N  N N 280 
LYS CA   C  N S 281 
LYS C    C  N N 282 
LYS O    O  N N 283 
LYS CB   C  N N 284 
LYS CG   C  N N 285 
LYS CD   C  N N 286 
LYS CE   C  N N 287 
LYS NZ   N  N N 288 
LYS OXT  O  N N 289 
LYS H    H  N N 290 
LYS H2   H  N N 291 
LYS HA   H  N N 292 
LYS HB2  H  N N 293 
LYS HB3  H  N N 294 
LYS HG2  H  N N 295 
LYS HG3  H  N N 296 
LYS HD2  H  N N 297 
LYS HD3  H  N N 298 
LYS HE2  H  N N 299 
LYS HE3  H  N N 300 
LYS HZ1  H  N N 301 
LYS HZ2  H  N N 302 
LYS HZ3  H  N N 303 
LYS HXT  H  N N 304 
MET N    N  N N 305 
MET CA   C  N S 306 
MET C    C  N N 307 
MET O    O  N N 308 
MET CB   C  N N 309 
MET CG   C  N N 310 
MET SD   S  N N 311 
MET CE   C  N N 312 
MET OXT  O  N N 313 
MET H    H  N N 314 
MET H2   H  N N 315 
MET HA   H  N N 316 
MET HB2  H  N N 317 
MET HB3  H  N N 318 
MET HG2  H  N N 319 
MET HG3  H  N N 320 
MET HE1  H  N N 321 
MET HE2  H  N N 322 
MET HE3  H  N N 323 
MET HXT  H  N N 324 
PHE N    N  N N 325 
PHE CA   C  N S 326 
PHE C    C  N N 327 
PHE O    O  N N 328 
PHE CB   C  N N 329 
PHE CG   C  Y N 330 
PHE CD1  C  Y N 331 
PHE CD2  C  Y N 332 
PHE CE1  C  Y N 333 
PHE CE2  C  Y N 334 
PHE CZ   C  Y N 335 
PHE OXT  O  N N 336 
PHE H    H  N N 337 
PHE H2   H  N N 338 
PHE HA   H  N N 339 
PHE HB2  H  N N 340 
PHE HB3  H  N N 341 
PHE HD1  H  N N 342 
PHE HD2  H  N N 343 
PHE HE1  H  N N 344 
PHE HE2  H  N N 345 
PHE HZ   H  N N 346 
PHE HXT  H  N N 347 
PRO N    N  N N 348 
PRO CA   C  N S 349 
PRO C    C  N N 350 
PRO O    O  N N 351 
PRO CB   C  N N 352 
PRO CG   C  N N 353 
PRO CD   C  N N 354 
PRO OXT  O  N N 355 
PRO H    H  N N 356 
PRO HA   H  N N 357 
PRO HB2  H  N N 358 
PRO HB3  H  N N 359 
PRO HG2  H  N N 360 
PRO HG3  H  N N 361 
PRO HD2  H  N N 362 
PRO HD3  H  N N 363 
PRO HXT  H  N N 364 
SER N    N  N N 365 
SER CA   C  N S 366 
SER C    C  N N 367 
SER O    O  N N 368 
SER CB   C  N N 369 
SER OG   O  N N 370 
SER OXT  O  N N 371 
SER H    H  N N 372 
SER H2   H  N N 373 
SER HA   H  N N 374 
SER HB2  H  N N 375 
SER HB3  H  N N 376 
SER HG   H  N N 377 
SER HXT  H  N N 378 
THR N    N  N N 379 
THR CA   C  N S 380 
THR C    C  N N 381 
THR O    O  N N 382 
THR CB   C  N R 383 
THR OG1  O  N N 384 
THR CG2  C  N N 385 
THR OXT  O  N N 386 
THR H    H  N N 387 
THR H2   H  N N 388 
THR HA   H  N N 389 
THR HB   H  N N 390 
THR HG1  H  N N 391 
THR HG21 H  N N 392 
THR HG22 H  N N 393 
THR HG23 H  N N 394 
THR HXT  H  N N 395 
TYR N    N  N N 396 
TYR CA   C  N S 397 
TYR C    C  N N 398 
TYR O    O  N N 399 
TYR CB   C  N N 400 
TYR CG   C  Y N 401 
TYR CD1  C  Y N 402 
TYR CD2  C  Y N 403 
TYR CE1  C  Y N 404 
TYR CE2  C  Y N 405 
TYR CZ   C  Y N 406 
TYR OH   O  N N 407 
TYR OXT  O  N N 408 
TYR H    H  N N 409 
TYR H2   H  N N 410 
TYR HA   H  N N 411 
TYR HB2  H  N N 412 
TYR HB3  H  N N 413 
TYR HD1  H  N N 414 
TYR HD2  H  N N 415 
TYR HE1  H  N N 416 
TYR HE2  H  N N 417 
TYR HH   H  N N 418 
TYR HXT  H  N N 419 
VAL N    N  N N 420 
VAL CA   C  N S 421 
VAL C    C  N N 422 
VAL O    O  N N 423 
VAL CB   C  N N 424 
VAL CG1  C  N N 425 
VAL CG2  C  N N 426 
VAL OXT  O  N N 427 
VAL H    H  N N 428 
VAL H2   H  N N 429 
VAL HA   H  N N 430 
VAL HB   H  N N 431 
VAL HG11 H  N N 432 
VAL HG12 H  N N 433 
VAL HG13 H  N N 434 
VAL HG21 H  N N 435 
VAL HG22 H  N N 436 
VAL HG23 H  N N 437 
VAL HXT  H  N N 438 
# 
loop_
_chem_comp_bond.comp_id 
_chem_comp_bond.atom_id_1 
_chem_comp_bond.atom_id_2 
_chem_comp_bond.value_order 
_chem_comp_bond.pdbx_aromatic_flag 
_chem_comp_bond.pdbx_stereo_config 
_chem_comp_bond.pdbx_ordinal 
ALA N   CA   sing N N 1   
ALA N   H    sing N N 2   
ALA N   H2   sing N N 3   
ALA CA  C    sing N N 4   
ALA CA  CB   sing N N 5   
ALA CA  HA   sing N N 6   
ALA C   O    doub N N 7   
ALA C   OXT  sing N N 8   
ALA CB  HB1  sing N N 9   
ALA CB  HB2  sing N N 10  
ALA CB  HB3  sing N N 11  
ALA OXT HXT  sing N N 12  
ARG N   CA   sing N N 13  
ARG N   H    sing N N 14  
ARG N   H2   sing N N 15  
ARG CA  C    sing N N 16  
ARG CA  CB   sing N N 17  
ARG CA  HA   sing N N 18  
ARG C   O    doub N N 19  
ARG C   OXT  sing N N 20  
ARG CB  CG   sing N N 21  
ARG CB  HB2  sing N N 22  
ARG CB  HB3  sing N N 23  
ARG CG  CD   sing N N 24  
ARG CG  HG2  sing N N 25  
ARG CG  HG3  sing N N 26  
ARG CD  NE   sing N N 27  
ARG CD  HD2  sing N N 28  
ARG CD  HD3  sing N N 29  
ARG NE  CZ   sing N N 30  
ARG NE  HE   sing N N 31  
ARG CZ  NH1  sing N N 32  
ARG CZ  NH2  doub N N 33  
ARG NH1 HH11 sing N N 34  
ARG NH1 HH12 sing N N 35  
ARG NH2 HH21 sing N N 36  
ARG NH2 HH22 sing N N 37  
ARG OXT HXT  sing N N 38  
ASN N   CA   sing N N 39  
ASN N   H    sing N N 40  
ASN N   H2   sing N N 41  
ASN CA  C    sing N N 42  
ASN CA  CB   sing N N 43  
ASN CA  HA   sing N N 44  
ASN C   O    doub N N 45  
ASN C   OXT  sing N N 46  
ASN CB  CG   sing N N 47  
ASN CB  HB2  sing N N 48  
ASN CB  HB3  sing N N 49  
ASN CG  OD1  doub N N 50  
ASN CG  ND2  sing N N 51  
ASN ND2 HD21 sing N N 52  
ASN ND2 HD22 sing N N 53  
ASN OXT HXT  sing N N 54  
ASP N   CA   sing N N 55  
ASP N   H    sing N N 56  
ASP N   H2   sing N N 57  
ASP CA  C    sing N N 58  
ASP CA  CB   sing N N 59  
ASP CA  HA   sing N N 60  
ASP C   O    doub N N 61  
ASP C   OXT  sing N N 62  
ASP CB  CG   sing N N 63  
ASP CB  HB2  sing N N 64  
ASP CB  HB3  sing N N 65  
ASP CG  OD1  doub N N 66  
ASP CG  OD2  sing N N 67  
ASP OD2 HD2  sing N N 68  
ASP OXT HXT  sing N N 69  
CYS N   CA   sing N N 70  
CYS N   H    sing N N 71  
CYS N   H2   sing N N 72  
CYS CA  C    sing N N 73  
CYS CA  CB   sing N N 74  
CYS CA  HA   sing N N 75  
CYS C   O    doub N N 76  
CYS C   OXT  sing N N 77  
CYS CB  SG   sing N N 78  
CYS CB  HB2  sing N N 79  
CYS CB  HB3  sing N N 80  
CYS SG  HG   sing N N 81  
CYS OXT HXT  sing N N 82  
GLN N   CA   sing N N 83  
GLN N   H    sing N N 84  
GLN N   H2   sing N N 85  
GLN CA  C    sing N N 86  
GLN CA  CB   sing N N 87  
GLN CA  HA   sing N N 88  
GLN C   O    doub N N 89  
GLN C   OXT  sing N N 90  
GLN CB  CG   sing N N 91  
GLN CB  HB2  sing N N 92  
GLN CB  HB3  sing N N 93  
GLN CG  CD   sing N N 94  
GLN CG  HG2  sing N N 95  
GLN CG  HG3  sing N N 96  
GLN CD  OE1  doub N N 97  
GLN CD  NE2  sing N N 98  
GLN NE2 HE21 sing N N 99  
GLN NE2 HE22 sing N N 100 
GLN OXT HXT  sing N N 101 
GLU N   CA   sing N N 102 
GLU N   H    sing N N 103 
GLU N   H2   sing N N 104 
GLU CA  C    sing N N 105 
GLU CA  CB   sing N N 106 
GLU CA  HA   sing N N 107 
GLU C   O    doub N N 108 
GLU C   OXT  sing N N 109 
GLU CB  CG   sing N N 110 
GLU CB  HB2  sing N N 111 
GLU CB  HB3  sing N N 112 
GLU CG  CD   sing N N 113 
GLU CG  HG2  sing N N 114 
GLU CG  HG3  sing N N 115 
GLU CD  OE1  doub N N 116 
GLU CD  OE2  sing N N 117 
GLU OE2 HE2  sing N N 118 
GLU OXT HXT  sing N N 119 
GLY N   CA   sing N N 120 
GLY N   H    sing N N 121 
GLY N   H2   sing N N 122 
GLY CA  C    sing N N 123 
GLY CA  HA2  sing N N 124 
GLY CA  HA3  sing N N 125 
GLY C   O    doub N N 126 
GLY C   OXT  sing N N 127 
GLY OXT HXT  sing N N 128 
HEM CHA C1A  sing N N 129 
HEM CHA C4D  doub N N 130 
HEM CHA HHA  sing N N 131 
HEM CHB C4A  sing N N 132 
HEM CHB C1B  doub N N 133 
HEM CHB HHB  sing N N 134 
HEM CHC C4B  sing N N 135 
HEM CHC C1C  doub N N 136 
HEM CHC HHC  sing N N 137 
HEM CHD C4C  doub N N 138 
HEM CHD C1D  sing N N 139 
HEM CHD HHD  sing N N 140 
HEM C1A C2A  doub Y N 141 
HEM C1A NA   sing Y N 142 
HEM C2A C3A  sing Y N 143 
HEM C2A CAA  sing N N 144 
HEM C3A C4A  doub Y N 145 
HEM C3A CMA  sing N N 146 
HEM C4A NA   sing Y N 147 
HEM CMA HMA  sing N N 148 
HEM CMA HMAA sing N N 149 
HEM CMA HMAB sing N N 150 
HEM CAA CBA  sing N N 151 
HEM CAA HAA  sing N N 152 
HEM CAA HAAA sing N N 153 
HEM CBA CGA  sing N N 154 
HEM CBA HBA  sing N N 155 
HEM CBA HBAA sing N N 156 
HEM CGA O1A  doub N N 157 
HEM CGA O2A  sing N N 158 
HEM C1B C2B  sing N N 159 
HEM C1B NB   sing N N 160 
HEM C2B C3B  doub N N 161 
HEM C2B CMB  sing N N 162 
HEM C3B C4B  sing N N 163 
HEM C3B CAB  sing N N 164 
HEM C4B NB   doub N N 165 
HEM CMB HMB  sing N N 166 
HEM CMB HMBA sing N N 167 
HEM CMB HMBB sing N N 168 
HEM CAB CBB  doub N N 169 
HEM CAB HAB  sing N N 170 
HEM CBB HBB  sing N N 171 
HEM CBB HBBA sing N N 172 
HEM C1C C2C  sing Y N 173 
HEM C1C NC   sing Y N 174 
HEM C2C C3C  doub Y N 175 
HEM C2C CMC  sing N N 176 
HEM C3C C4C  sing Y N 177 
HEM C3C CAC  sing N N 178 
HEM C4C NC   sing Y N 179 
HEM CMC HMC  sing N N 180 
HEM CMC HMCA sing N N 181 
HEM CMC HMCB sing N N 182 
HEM CAC CBC  doub N N 183 
HEM CAC HAC  sing N N 184 
HEM CBC HBC  sing N N 185 
HEM CBC HBCA sing N N 186 
HEM C1D C2D  sing N N 187 
HEM C1D ND   doub N N 188 
HEM C2D C3D  doub N N 189 
HEM C2D CMD  sing N N 190 
HEM C3D C4D  sing N N 191 
HEM C3D CAD  sing N N 192 
HEM C4D ND   sing N N 193 
HEM CMD HMD  sing N N 194 
HEM CMD HMDA sing N N 195 
HEM CMD HMDB sing N N 196 
HEM CAD CBD  sing N N 197 
HEM CAD HAD  sing N N 198 
HEM CAD HADA sing N N 199 
HEM CBD CGD  sing N N 200 
HEM CBD HBD  sing N N 201 
HEM CBD HBDA sing N N 202 
HEM CGD O1D  doub N N 203 
HEM CGD O2D  sing N N 204 
HEM O2A H2A  sing N N 205 
HEM O2D H2D  sing N N 206 
HEM FE  NA   sing N N 207 
HEM FE  NB   sing N N 208 
HEM FE  NC   sing N N 209 
HEM FE  ND   sing N N 210 
HIS N   CA   sing N N 211 
HIS N   H    sing N N 212 
HIS N   H2   sing N N 213 
HIS CA  C    sing N N 214 
HIS CA  CB   sing N N 215 
HIS CA  HA   sing N N 216 
HIS C   O    doub N N 217 
HIS C   OXT  sing N N 218 
HIS CB  CG   sing N N 219 
HIS CB  HB2  sing N N 220 
HIS CB  HB3  sing N N 221 
HIS CG  ND1  sing Y N 222 
HIS CG  CD2  doub Y N 223 
HIS ND1 CE1  doub Y N 224 
HIS ND1 HD1  sing N N 225 
HIS CD2 NE2  sing Y N 226 
HIS CD2 HD2  sing N N 227 
HIS CE1 NE2  sing Y N 228 
HIS CE1 HE1  sing N N 229 
HIS NE2 HE2  sing N N 230 
HIS OXT HXT  sing N N 231 
HOH O   H1   sing N N 232 
HOH O   H2   sing N N 233 
ILE N   CA   sing N N 234 
ILE N   H    sing N N 235 
ILE N   H2   sing N N 236 
ILE CA  C    sing N N 237 
ILE CA  CB   sing N N 238 
ILE CA  HA   sing N N 239 
ILE C   O    doub N N 240 
ILE C   OXT  sing N N 241 
ILE CB  CG1  sing N N 242 
ILE CB  CG2  sing N N 243 
ILE CB  HB   sing N N 244 
ILE CG1 CD1  sing N N 245 
ILE CG1 HG12 sing N N 246 
ILE CG1 HG13 sing N N 247 
ILE CG2 HG21 sing N N 248 
ILE CG2 HG22 sing N N 249 
ILE CG2 HG23 sing N N 250 
ILE CD1 HD11 sing N N 251 
ILE CD1 HD12 sing N N 252 
ILE CD1 HD13 sing N N 253 
ILE OXT HXT  sing N N 254 
LEU N   CA   sing N N 255 
LEU N   H    sing N N 256 
LEU N   H2   sing N N 257 
LEU CA  C    sing N N 258 
LEU CA  CB   sing N N 259 
LEU CA  HA   sing N N 260 
LEU C   O    doub N N 261 
LEU C   OXT  sing N N 262 
LEU CB  CG   sing N N 263 
LEU CB  HB2  sing N N 264 
LEU CB  HB3  sing N N 265 
LEU CG  CD1  sing N N 266 
LEU CG  CD2  sing N N 267 
LEU CG  HG   sing N N 268 
LEU CD1 HD11 sing N N 269 
LEU CD1 HD12 sing N N 270 
LEU CD1 HD13 sing N N 271 
LEU CD2 HD21 sing N N 272 
LEU CD2 HD22 sing N N 273 
LEU CD2 HD23 sing N N 274 
LEU OXT HXT  sing N N 275 
LYS N   CA   sing N N 276 
LYS N   H    sing N N 277 
LYS N   H2   sing N N 278 
LYS CA  C    sing N N 279 
LYS CA  CB   sing N N 280 
LYS CA  HA   sing N N 281 
LYS C   O    doub N N 282 
LYS C   OXT  sing N N 283 
LYS CB  CG   sing N N 284 
LYS CB  HB2  sing N N 285 
LYS CB  HB3  sing N N 286 
LYS CG  CD   sing N N 287 
LYS CG  HG2  sing N N 288 
LYS CG  HG3  sing N N 289 
LYS CD  CE   sing N N 290 
LYS CD  HD2  sing N N 291 
LYS CD  HD3  sing N N 292 
LYS CE  NZ   sing N N 293 
LYS CE  HE2  sing N N 294 
LYS CE  HE3  sing N N 295 
LYS NZ  HZ1  sing N N 296 
LYS NZ  HZ2  sing N N 297 
LYS NZ  HZ3  sing N N 298 
LYS OXT HXT  sing N N 299 
MET N   CA   sing N N 300 
MET N   H    sing N N 301 
MET N   H2   sing N N 302 
MET CA  C    sing N N 303 
MET CA  CB   sing N N 304 
MET CA  HA   sing N N 305 
MET C   O    doub N N 306 
MET C   OXT  sing N N 307 
MET CB  CG   sing N N 308 
MET CB  HB2  sing N N 309 
MET CB  HB3  sing N N 310 
MET CG  SD   sing N N 311 
MET CG  HG2  sing N N 312 
MET CG  HG3  sing N N 313 
MET SD  CE   sing N N 314 
MET CE  HE1  sing N N 315 
MET CE  HE2  sing N N 316 
MET CE  HE3  sing N N 317 
MET OXT HXT  sing N N 318 
PHE N   CA   sing N N 319 
PHE N   H    sing N N 320 
PHE N   H2   sing N N 321 
PHE CA  C    sing N N 322 
PHE CA  CB   sing N N 323 
PHE CA  HA   sing N N 324 
PHE C   O    doub N N 325 
PHE C   OXT  sing N N 326 
PHE CB  CG   sing N N 327 
PHE CB  HB2  sing N N 328 
PHE CB  HB3  sing N N 329 
PHE CG  CD1  doub Y N 330 
PHE CG  CD2  sing Y N 331 
PHE CD1 CE1  sing Y N 332 
PHE CD1 HD1  sing N N 333 
PHE CD2 CE2  doub Y N 334 
PHE CD2 HD2  sing N N 335 
PHE CE1 CZ   doub Y N 336 
PHE CE1 HE1  sing N N 337 
PHE CE2 CZ   sing Y N 338 
PHE CE2 HE2  sing N N 339 
PHE CZ  HZ   sing N N 340 
PHE OXT HXT  sing N N 341 
PRO N   CA   sing N N 342 
PRO N   CD   sing N N 343 
PRO N   H    sing N N 344 
PRO CA  C    sing N N 345 
PRO CA  CB   sing N N 346 
PRO CA  HA   sing N N 347 
PRO C   O    doub N N 348 
PRO C   OXT  sing N N 349 
PRO CB  CG   sing N N 350 
PRO CB  HB2  sing N N 351 
PRO CB  HB3  sing N N 352 
PRO CG  CD   sing N N 353 
PRO CG  HG2  sing N N 354 
PRO CG  HG3  sing N N 355 
PRO CD  HD2  sing N N 356 
PRO CD  HD3  sing N N 357 
PRO OXT HXT  sing N N 358 
SER N   CA   sing N N 359 
SER N   H    sing N N 360 
SER N   H2   sing N N 361 
SER CA  C    sing N N 362 
SER CA  CB   sing N N 363 
SER CA  HA   sing N N 364 
SER C   O    doub N N 365 
SER C   OXT  sing N N 366 
SER CB  OG   sing N N 367 
SER CB  HB2  sing N N 368 
SER CB  HB3  sing N N 369 
SER OG  HG   sing N N 370 
SER OXT HXT  sing N N 371 
THR N   CA   sing N N 372 
THR N   H    sing N N 373 
THR N   H2   sing N N 374 
THR CA  C    sing N N 375 
THR CA  CB   sing N N 376 
THR CA  HA   sing N N 377 
THR C   O    doub N N 378 
THR C   OXT  sing N N 379 
THR CB  OG1  sing N N 380 
THR CB  CG2  sing N N 381 
THR CB  HB   sing N N 382 
THR OG1 HG1  sing N N 383 
THR CG2 HG21 sing N N 384 
THR CG2 HG22 sing N N 385 
THR CG2 HG23 sing N N 386 
THR OXT HXT  sing N N 387 
TYR N   CA   sing N N 388 
TYR N   H    sing N N 389 
TYR N   H2   sing N N 390 
TYR CA  C    sing N N 391 
TYR CA  CB   sing N N 392 
TYR CA  HA   sing N N 393 
TYR C   O    doub N N 394 
TYR C   OXT  sing N N 395 
TYR CB  CG   sing N N 396 
TYR CB  HB2  sing N N 397 
TYR CB  HB3  sing N N 398 
TYR CG  CD1  doub Y N 399 
TYR CG  CD2  sing Y N 400 
TYR CD1 CE1  sing Y N 401 
TYR CD1 HD1  sing N N 402 
TYR CD2 CE2  doub Y N 403 
TYR CD2 HD2  sing N N 404 
TYR CE1 CZ   doub Y N 405 
TYR CE1 HE1  sing N N 406 
TYR CE2 CZ   sing Y N 407 
TYR CE2 HE2  sing N N 408 
TYR CZ  OH   sing N N 409 
TYR OH  HH   sing N N 410 
TYR OXT HXT  sing N N 411 
VAL N   CA   sing N N 412 
VAL N   H    sing N N 413 
VAL N   H2   sing N N 414 
VAL CA  C    sing N N 415 
VAL CA  CB   sing N N 416 
VAL CA  HA   sing N N 417 
VAL C   O    doub N N 418 
VAL C   OXT  sing N N 419 
VAL CB  CG1  sing N N 420 
VAL CB  CG2  sing N N 421 
VAL CB  HB   sing N N 422 
VAL CG1 HG11 sing N N 423 
VAL CG1 HG12 sing N N 424 
VAL CG1 HG13 sing N N 425 
VAL CG2 HG21 sing N N 426 
VAL CG2 HG22 sing N N 427 
VAL CG2 HG23 sing N N 428 
VAL OXT HXT  sing N N 429 
# 
_atom_sites.entry_id                    3CU4 
_atom_sites.fract_transf_matrix[1][1]   0.01113955 
_atom_sites.fract_transf_matrix[1][2]   -0.02375199 
_atom_sites.fract_transf_matrix[1][3]   0.00118050 
_atom_sites.fract_transf_matrix[2][1]   -0.02130791 
_atom_sites.fract_transf_matrix[2][2]   -0.01037031 
_atom_sites.fract_transf_matrix[2][3]   -0.00758574 
_atom_sites.fract_transf_matrix[3][1]   0.00608182 
_atom_sites.fract_transf_matrix[3][2]   0.00187582 
_atom_sites.fract_transf_matrix[3][3]   -0.01964788 
_atom_sites.fract_transf_vector[1]      0.274335 
_atom_sites.fract_transf_vector[2]      0.013077 
_atom_sites.fract_transf_vector[3]      0.049758 
# 
loop_
_atom_type.symbol 
C  
FE 
N  
O  
S  
# 
loop_
_atom_site.group_PDB 
_atom_site.id 
_atom_site.type_symbol 
_atom_site.label_atom_id 
_atom_site.label_alt_id 
_atom_site.label_comp_id 
_atom_site.label_asym_id 
_atom_site.label_entity_id 
_atom_site.label_seq_id 
_atom_site.pdbx_PDB_ins_code 
_atom_site.Cartn_x 
_atom_site.Cartn_y 
_atom_site.Cartn_z 
_atom_site.occupancy 
_atom_site.B_iso_or_equiv 
_atom_site.pdbx_formal_charge 
_atom_site.auth_seq_id 
_atom_site.auth_comp_id 
_atom_site.auth_asym_id 
_atom_site.auth_atom_id 
_atom_site.pdbx_PDB_model_num 
ATOM   1   N  N   . GLY A 1 7  ? -9.489  -11.495 1.112   1.00 14.99 ? 26  GLY A N   1 
ATOM   2   C  CA  . GLY A 1 7  ? -8.826  -10.983 2.315   1.00 14.99 ? 26  GLY A CA  1 
ATOM   3   C  C   . GLY A 1 7  ? -7.782  -9.948  1.903   1.00 14.99 ? 26  GLY A C   1 
ATOM   4   O  O   . GLY A 1 7  ? -7.179  -10.051 0.824   1.00 14.99 ? 26  GLY A O   1 
ATOM   5   N  N   . GLY A 1 8  ? -7.608  -8.979  2.779   1.00 11.84 ? 27  GLY A N   1 
ATOM   6   C  CA  . GLY A 1 8  ? -6.657  -7.878  2.571   1.00 9.31  ? 27  GLY A CA  1 
ATOM   7   C  C   . GLY A 1 8  ? -5.228  -8.420  2.461   1.00 6.89  ? 27  GLY A C   1 
ATOM   8   O  O   . GLY A 1 8  ? -4.434  -7.961  1.627   1.00 7.49  ? 27  GLY A O   1 
ATOM   9   N  N   . GLY A 1 9  ? -4.947  -9.388  3.313   1.00 6.59  ? 28  GLY A N   1 
ATOM   10  C  CA  . GLY A 1 9  ? -3.626  -10.037 3.388   1.00 6.39  ? 28  GLY A CA  1 
ATOM   11  C  C   . GLY A 1 9  ? -3.269  -10.704 2.053   1.00 4.32  ? 28  GLY A C   1 
ATOM   12  O  O   . GLY A 1 9  ? -2.134  -10.596 1.563   1.00 4.96  ? 28  GLY A O   1 
ATOM   13  N  N   . GLU A 1 10 ? -4.248  -11.390 1.494   1.00 5.81  ? 29  GLU A N   1 
ATOM   14  C  CA  . GLU A 1 10 ? -4.079  -12.106 0.220   1.00 5.82  ? 29  GLU A CA  1 
ATOM   15  C  C   . GLU A 1 10 ? -3.932  -11.114 -0.931  1.00 5.03  ? 29  GLU A C   1 
ATOM   16  O  O   . GLU A 1 10 ? -3.149  -11.336 -1.847  1.00 6.10  ? 29  GLU A O   1 
ATOM   17  C  CB  . GLU A 1 10 ? -5.289  -13.001 -0.052  1.00 6.72  ? 29  GLU A CB  1 
ATOM   18  C  CG  . GLU A 1 10 ? -5.287  -14.277 0.792   1.00 10.72 ? 29  GLU A CG  1 
ATOM   19  C  CD  . GLU A 1 10 ? -5.603  -14.009 2.263   1.00 15.18 ? 29  GLU A CD  1 
ATOM   20  O  OE1 . GLU A 1 10 ? -6.405  -13.050 2.583   1.00 19.30 ? 29  GLU A OE1 1 
ATOM   21  O  OE2 . GLU A 1 10 ? -5.071  -14.740 3.181   1.00 18.55 ? 29  GLU A OE2 1 
ATOM   22  N  N   . LEU A 1 11 ? -4.694  -10.025 -0.886  1.00 5.69  ? 30  LEU A N   1 
ATOM   23  C  CA  . LEU A 1 11 ? -4.602  -9.008  -1.925  1.00 5.33  ? 30  LEU A CA  1 
ATOM   24  C  C   . LEU A 1 11 ? -3.210  -8.380  -1.869  1.00 4.73  ? 30  LEU A C   1 
ATOM   25  O  O   . LEU A 1 11 ? -2.582  -8.151  -2.902  1.00 5.51  ? 30  LEU A O   1 
ATOM   26  C  CB  . LEU A 1 11 ? -5.692  -7.945  -1.730  1.00 6.41  ? 30  LEU A CB  1 
ATOM   27  C  CG  . LEU A 1 11 ? -7.084  -8.356  -2.224  1.00 6.83  ? 30  LEU A CG  1 
ATOM   28  C  CD1 . LEU A 1 11 ? -8.146  -7.459  -1.623  1.00 8.57  ? 30  LEU A CD1 1 
ATOM   29  C  CD2 . LEU A 1 11 ? -7.120  -8.294  -3.743  1.00 7.89  ? 30  LEU A CD2 1 
ATOM   30  N  N   . PHE A 1 12 ? -2.721  -8.125  -0.659  1.00 4.78  ? 31  PHE A N   1 
ATOM   31  C  CA  . PHE A 1 12 ? -1.392  -7.546  -0.489  1.00 4.87  ? 31  PHE A CA  1 
ATOM   32  C  C   . PHE A 1 12 ? -0.323  -8.507  -1.009  1.00 4.89  ? 31  PHE A C   1 
ATOM   33  O  O   . PHE A 1 12 ? 0.609   -8.098  -1.696  1.00 5.03  ? 31  PHE A O   1 
ATOM   34  C  CB  . PHE A 1 12 ? -1.119  -7.248  0.986   1.00 5.76  ? 31  PHE A CB  1 
ATOM   35  C  CG  . PHE A 1 12 ? 0.191   -6.552  1.226   1.00 5.14  ? 31  PHE A CG  1 
ATOM   36  C  CD1 . PHE A 1 12 ? 0.273   -5.165  1.188   1.00 4.30  ? 31  PHE A CD1 1 
ATOM   37  C  CD2 . PHE A 1 12 ? 1.352   -7.287  1.451   1.00 5.67  ? 31  PHE A CD2 1 
ATOM   38  C  CE1 . PHE A 1 12 ? 1.492   -4.517  1.369   1.00 4.71  ? 31  PHE A CE1 1 
ATOM   39  C  CE2 . PHE A 1 12 ? 2.573   -6.648  1.632   1.00 6.15  ? 31  PHE A CE2 1 
ATOM   40  C  CZ  . PHE A 1 12 ? 2.643   -5.261  1.590   1.00 4.95  ? 31  PHE A CZ  1 
ATOM   41  N  N   . ALA A 1 13 ? -0.453  -9.785  -0.667  1.00 5.69  ? 32  ALA A N   1 
ATOM   42  C  CA  . ALA A 1 13 ? 0.514   -10.783 -1.111  1.00 6.71  ? 32  ALA A CA  1 
ATOM   43  C  C   . ALA A 1 13 ? 0.546   -10.867 -2.633  1.00 6.67  ? 32  ALA A C   1 
ATOM   44  O  O   . ALA A 1 13 ? 1.604   -11.044 -3.236  1.00 9.14  ? 32  ALA A O   1 
ATOM   45  C  CB  . ALA A 1 13 ? 0.169   -12.143 -0.518  1.00 6.85  ? 32  ALA A CB  1 
ATOM   46  N  N   . THR A 1 14 ? -0.620  -10.727 -3.249  1.00 6.62  ? 33  THR A N   1 
ATOM   47  C  CA  . THR A 1 14 ? -0.742  -10.800 -4.700  1.00 7.31  ? 33  THR A CA  1 
ATOM   48  C  C   . THR A 1 14 ? -0.206  -9.580  -5.448  1.00 7.46  ? 33  THR A C   1 
ATOM   49  O  O   . THR A 1 14 ? 0.537   -9.714  -6.419  1.00 8.64  ? 33  THR A O   1 
ATOM   50  C  CB  . THR A 1 14 ? -2.222  -10.974 -5.120  1.00 8.71  ? 33  THR A CB  1 
ATOM   51  O  OG1 . THR A 1 14 ? -2.748  -12.184 -4.563  1.00 11.03 ? 33  THR A OG1 1 
ATOM   52  C  CG2 . THR A 1 14 ? -2.348  -11.024 -6.635  1.00 10.59 ? 33  THR A CG2 1 
ATOM   53  N  N   . HIS A 1 15 ? -0.573  -8.394  -4.977  1.00 6.26  ? 34  HIS A N   1 
ATOM   54  C  CA  . HIS A 1 15 ? -0.212  -7.151  -5.651  1.00 6.34  ? 34  HIS A CA  1 
ATOM   55  C  C   . HIS A 1 15 ? 0.900   -6.290  -5.083  1.00 5.94  ? 34  HIS A C   1 
ATOM   56  O  O   . HIS A 1 15 ? 1.457   -5.463  -5.807  1.00 7.68  ? 34  HIS A O   1 
ATOM   57  C  CB  . HIS A 1 15 ? -1.450  -6.258  -5.742  1.00 7.11  ? 34  HIS A CB  1 
ATOM   58  C  CG  . HIS A 1 15 ? -2.625  -6.908  -6.397  1.00 6.63  ? 34  HIS A CG  1 
ATOM   59  N  ND1 . HIS A 1 15 ? -2.653  -7.212  -7.740  1.00 8.86  ? 34  HIS A ND1 1 
ATOM   60  C  CD2 . HIS A 1 15 ? -3.821  -7.299  -5.897  1.00 7.72  ? 34  HIS A CD2 1 
ATOM   61  C  CE1 . HIS A 1 15 ? -3.816  -7.760  -8.041  1.00 9.27  ? 34  HIS A CE1 1 
ATOM   62  N  NE2 . HIS A 1 15 ? -4.545  -7.824  -6.940  1.00 8.48  ? 34  HIS A NE2 1 
ATOM   63  N  N   . CYS A 1 16 ? 1.233   -6.470  -3.811  1.00 5.96  ? 35  CYS A N   1 
ATOM   64  C  CA  . CYS A 1 16 ? 2.212   -5.591  -3.183  1.00 5.49  ? 35  CYS A CA  1 
ATOM   65  C  C   . CYS A 1 16 ? 3.469   -6.190  -2.585  1.00 5.70  ? 35  CYS A C   1 
ATOM   66  O  O   . CYS A 1 16 ? 4.511   -5.531  -2.559  1.00 6.35  ? 35  CYS A O   1 
ATOM   67  C  CB  . CYS A 1 16 ? 1.518   -4.792  -2.076  1.00 5.23  ? 35  CYS A CB  1 
ATOM   68  S  SG  . CYS A 1 16 ? -0.212  -4.334  -2.422  1.00 5.14  ? 35  CYS A SG  1 
ATOM   69  N  N   . ALA A 1 17 ? 3.374   -7.420  -2.091  1.00 5.75  ? 36  ALA A N   1 
ATOM   70  C  CA  . ALA A 1 17 ? 4.503   -8.065  -1.428  1.00 7.07  ? 36  ALA A CA  1 
ATOM   71  C  C   . ALA A 1 17 ? 5.786   -8.196  -2.237  1.00 7.01  ? 36  ALA A C   1 
ATOM   72  O  O   . ALA A 1 17 ? 6.874   -8.284  -1.667  1.00 8.98  ? 36  ALA A O   1 
ATOM   73  C  CB  . ALA A 1 17 ? 4.077   -9.430  -0.903  1.00 6.70  ? 36  ALA A CB  1 
ATOM   74  N  N   . GLY A 1 18 ? 5.670   -8.213  -3.560  1.00 7.30  ? 37  GLY A N   1 
ATOM   75  C  CA  . GLY A 1 18 ? 6.857   -8.328  -4.387  1.00 8.47  ? 37  GLY A CA  1 
ATOM   76  C  C   . GLY A 1 18 ? 7.808   -7.162  -4.192  1.00 7.19  ? 37  GLY A C   1 
ATOM   77  O  O   . GLY A 1 18 ? 9.027   -7.341  -4.143  1.00 9.64  ? 37  GLY A O   1 
ATOM   78  N  N   . CYS A 1 19 ? 7.254   -5.960  -4.073  1.00 6.78  ? 38  CYS A N   1 
ATOM   79  C  CA  . CYS A 1 19 ? 8.063   -4.761  -3.887  1.00 5.80  ? 38  CYS A CA  1 
ATOM   80  C  C   . CYS A 1 19 ? 8.094   -4.282  -2.445  1.00 5.40  ? 38  CYS A C   1 
ATOM   81  O  O   . CYS A 1 19 ? 8.973   -3.510  -2.066  1.00 6.43  ? 38  CYS A O   1 
ATOM   82  C  CB  . CYS A 1 19 ? 7.539   -3.633  -4.764  1.00 6.58  ? 38  CYS A CB  1 
ATOM   83  S  SG  . CYS A 1 19 ? 7.585   -3.994  -6.543  1.00 7.19  ? 38  CYS A SG  1 
ATOM   84  N  N   . HIS A 1 20 ? 7.130   -4.730  -1.650  1.00 5.10  ? 39  HIS A N   1 
ATOM   85  C  CA  . HIS A 1 20 ? 7.057   -4.336  -0.249  1.00 4.73  ? 39  HIS A CA  1 
ATOM   86  C  C   . HIS A 1 20 ? 7.061   -5.560  0.663   1.00 4.97  ? 39  HIS A C   1 
ATOM   87  O  O   . HIS A 1 20 ? 6.167   -5.733  1.493   1.00 5.67  ? 39  HIS A O   1 
ATOM   88  C  CB  . HIS A 1 20 ? 5.794   -3.510  0.000   1.00 4.19  ? 39  HIS A CB  1 
ATOM   89  C  CG  . HIS A 1 20 ? 5.756   -2.220  -0.758  1.00 4.41  ? 39  HIS A CG  1 
ATOM   90  N  ND1 . HIS A 1 20 ? 6.586   -1.150  -0.505  1.00 5.11  ? 39  HIS A ND1 1 
ATOM   91  C  CD2 . HIS A 1 20 ? 4.948   -1.826  -1.774  1.00 4.08  ? 39  HIS A CD2 1 
ATOM   92  C  CE1 . HIS A 1 20 ? 6.257   -0.164  -1.353  1.00 5.13  ? 39  HIS A CE1 1 
ATOM   93  N  NE2 . HIS A 1 20 ? 5.266   -0.526  -2.145  1.00 4.14  ? 39  HIS A NE2 1 
ATOM   94  N  N   . PRO A 1 21 ? 8.074   -6.427  0.521   1.00 5.94  ? 40  PRO A N   1 
ATOM   95  C  CA  . PRO A 1 21 ? 8.132   -7.619  1.368   1.00 5.63  ? 40  PRO A CA  1 
ATOM   96  C  C   . PRO A 1 21 ? 8.199   -7.224  2.840   1.00 5.53  ? 40  PRO A C   1 
ATOM   97  O  O   . PRO A 1 21 ? 9.028   -6.403  3.235   1.00 6.45  ? 40  PRO A O   1 
ATOM   98  C  CB  . PRO A 1 21 ? 9.399   -8.321  0.885   1.00 6.14  ? 40  PRO A CB  1 
ATOM   99  C  CG  . PRO A 1 21 ? 10.267  -7.179  0.453   1.00 6.72  ? 40  PRO A CG  1 
ATOM   100 C  CD  . PRO A 1 21 ? 9.295   -6.300  -0.295  1.00 4.93  ? 40  PRO A CD  1 
ATOM   101 N  N   . GLN A 1 22 ? 7.311   -7.801  3.642   1.00 6.73  ? 41  GLN A N   1 
ATOM   102 C  CA  . GLN A 1 22 ? 7.260   -7.507  5.070   1.00 7.36  ? 41  GLN A CA  1 
ATOM   103 C  C   . GLN A 1 22 ? 7.079   -6.015  5.334   1.00 7.18  ? 41  GLN A C   1 
ATOM   104 O  O   . GLN A 1 22 ? 7.438   -5.516  6.400   1.00 7.65  ? 41  GLN A O   1 
ATOM   105 C  CB  . GLN A 1 22 ? 8.534   -8.000  5.760   1.00 9.95  ? 41  GLN A CB  1 
ATOM   106 C  CG  . GLN A 1 22 ? 8.798   -9.486  5.586   1.00 14.80 ? 41  GLN A CG  1 
ATOM   107 C  CD  . GLN A 1 22 ? 9.955   -9.970  6.433   1.00 18.57 ? 41  GLN A CD  1 
ATOM   108 O  OE1 . GLN A 1 22 ? 9.916   -9.886  7.660   1.00 20.98 ? 41  GLN A OE1 1 
ATOM   109 N  NE2 . GLN A 1 22 ? 10.995  -10.479 5.785   1.00 19.39 ? 41  GLN A NE2 1 
ATOM   110 N  N   . GLY A 1 23 ? 6.527   -5.304  4.358   1.00 6.13  ? 42  GLY A N   1 
ATOM   111 C  CA  . GLY A 1 23 ? 6.309   -3.877  4.526   1.00 6.28  ? 42  GLY A CA  1 
ATOM   112 C  C   . GLY A 1 23 ? 7.508   -3.003  4.222   1.00 5.50  ? 42  GLY A C   1 
ATOM   113 O  O   . GLY A 1 23 ? 7.517   -1.820  4.565   1.00 7.09  ? 42  GLY A O   1 
ATOM   114 N  N   . GLY A 1 24 ? 8.528   -3.573  3.592   1.00 5.41  ? 43  GLY A N   1 
ATOM   115 C  CA  . GLY A 1 24 ? 9.698   -2.784  3.245   1.00 5.71  ? 43  GLY A CA  1 
ATOM   116 C  C   . GLY A 1 24 ? 9.505   -2.192  1.863   1.00 6.95  ? 43  GLY A C   1 
ATOM   117 O  O   . GLY A 1 24 ? 8.379   -1.892  1.472   1.00 6.53  ? 43  GLY A O   1 
ATOM   118 N  N   . ASN A 1 25 ? 10.599  -2.012  1.131   1.00 6.58  ? 44  ASN A N   1 
ATOM   119 C  CA  . ASN A 1 25 ? 10.551  -1.484  -0.231  1.00 7.05  ? 44  ASN A CA  1 
ATOM   120 C  C   . ASN A 1 25 ? 11.832  -1.898  -0.951  1.00 7.99  ? 44  ASN A C   1 
ATOM   121 O  O   . ASN A 1 25 ? 12.925  -1.471  -0.577  1.00 10.14 ? 44  ASN A O   1 
ATOM   122 C  CB  . ASN A 1 25 ? 10.430  0.042   -0.226  1.00 7.28  ? 44  ASN A CB  1 
ATOM   123 C  CG  . ASN A 1 25 ? 10.104  0.595   -1.600  1.00 7.30  ? 44  ASN A CG  1 
ATOM   124 O  OD1 . ASN A 1 25 ? 10.678  0.168   -2.601  1.00 7.77  ? 44  ASN A OD1 1 
ATOM   125 N  ND2 . ASN A 1 25 ? 9.182   1.550   -1.657  1.00 6.55  ? 44  ASN A ND2 1 
ATOM   126 N  N   . THR A 1 26 ? 11.690  -2.732  -1.978  1.00 8.64  ? 45  THR A N   1 
ATOM   127 C  CA  . THR A 1 26 ? 12.830  -3.227  -2.748  1.00 10.82 ? 45  THR A CA  1 
ATOM   128 C  C   . THR A 1 26 ? 13.364  -2.235  -3.775  1.00 12.43 ? 45  THR A C   1 
ATOM   129 O  O   . THR A 1 26 ? 14.484  -2.388  -4.267  1.00 15.09 ? 45  THR A O   1 
ATOM   130 C  CB  . THR A 1 26 ? 12.467  -4.512  -3.512  1.00 9.35  ? 45  THR A CB  1 
ATOM   131 O  OG1 . THR A 1 26 ? 11.430  -4.225  -4.463  1.00 11.82 ? 45  THR A OG1 1 
ATOM   132 C  CG2 . THR A 1 26 ? 11.987  -5.588  -2.554  1.00 11.12 ? 45  THR A CG2 1 
ATOM   133 N  N   . VAL A 1 27 ? 12.560  -1.231  -4.106  1.00 14.37 ? 46  VAL A N   1 
ATOM   134 C  CA  . VAL A 1 27 ? 12.951  -0.239  -5.097  1.00 16.77 ? 46  VAL A CA  1 
ATOM   135 C  C   . VAL A 1 27 ? 13.509  1.025   -4.450  1.00 18.60 ? 46  VAL A C   1 
ATOM   136 O  O   . VAL A 1 27 ? 14.661  1.392   -4.682  1.00 20.07 ? 46  VAL A O   1 
ATOM   137 C  CB  . VAL A 1 27 ? 11.751  0.136   -5.988  1.00 18.56 ? 46  VAL A CB  1 
ATOM   138 C  CG1 . VAL A 1 27 ? 12.196  1.076   -7.095  1.00 19.06 ? 46  VAL A CG1 1 
ATOM   139 C  CG2 . VAL A 1 27 ? 11.129  -1.123  -6.567  1.00 19.87 ? 46  VAL A CG2 1 
ATOM   140 N  N   . HIS A 1 28 ? 12.682  1.689   -3.649  1.00 18.05 ? 47  HIS A N   1 
ATOM   141 C  CA  . HIS A 1 28 ? 13.086  2.907   -2.952  1.00 18.27 ? 47  HIS A CA  1 
ATOM   142 C  C   . HIS A 1 28 ? 13.195  2.543   -1.469  1.00 18.67 ? 47  HIS A C   1 
ATOM   143 O  O   . HIS A 1 28 ? 12.199  2.543   -0.745  1.00 17.60 ? 47  HIS A O   1 
ATOM   144 C  CB  . HIS A 1 28 ? 12.042  4.010   -3.168  1.00 19.69 ? 47  HIS A CB  1 
ATOM   145 C  CG  . HIS A 1 28 ? 12.396  5.315   -2.522  1.00 19.30 ? 47  HIS A CG  1 
ATOM   146 N  ND1 . HIS A 1 28 ? 12.404  6.507   -3.214  1.00 20.16 ? 47  HIS A ND1 1 
ATOM   147 C  CD2 . HIS A 1 28 ? 12.755  5.615   -1.252  1.00 20.05 ? 47  HIS A CD2 1 
ATOM   148 C  CE1 . HIS A 1 28 ? 12.749  7.487   -2.395  1.00 20.65 ? 47  HIS A CE1 1 
ATOM   149 N  NE2 . HIS A 1 28 ? 12.967  6.972   -1.199  1.00 20.70 ? 47  HIS A NE2 1 
ATOM   150 N  N   . PRO A 1 29 ? 14.419  2.239   -0.999  1.00 18.89 ? 48  PRO A N   1 
ATOM   151 C  CA  . PRO A 1 29 ? 14.691  1.856   0.392   1.00 19.72 ? 48  PRO A CA  1 
ATOM   152 C  C   . PRO A 1 29 ? 14.029  2.691   1.487   1.00 19.64 ? 48  PRO A C   1 
ATOM   153 O  O   . PRO A 1 29 ? 13.490  2.139   2.448   1.00 20.28 ? 48  PRO A O   1 
ATOM   154 C  CB  . PRO A 1 29 ? 16.217  1.888   0.465   1.00 20.42 ? 48  PRO A CB  1 
ATOM   155 C  CG  . PRO A 1 29 ? 16.587  2.924   -0.558  1.00 21.22 ? 48  PRO A CG  1 
ATOM   156 C  CD  . PRO A 1 29 ? 15.681  2.540   -1.700  1.00 21.01 ? 48  PRO A CD  1 
ATOM   157 N  N   . GLU A 1 30 ? 14.049  4.012   1.348   1.00 17.27 ? 49  GLU A N   1 
ATOM   158 C  CA  . GLU A 1 30 ? 13.461  4.878   2.369   1.00 15.66 ? 49  GLU A CA  1 
ATOM   159 C  C   . GLU A 1 30 ? 11.937  4.842   2.477   1.00 12.87 ? 49  GLU A C   1 
ATOM   160 O  O   . GLU A 1 30 ? 11.392  4.971   3.572   1.00 13.33 ? 49  GLU A O   1 
ATOM   161 C  CB  . GLU A 1 30 ? 13.903  6.328   2.151   1.00 18.49 ? 49  GLU A CB  1 
ATOM   162 C  CG  . GLU A 1 30 ? 15.388  6.586   2.358   1.00 20.40 ? 49  GLU A CG  1 
ATOM   163 C  CD  . GLU A 1 30 ? 15.853  6.241   3.758   1.00 21.10 ? 49  GLU A CD  1 
ATOM   164 O  OE1 . GLU A 1 30 ? 15.017  6.284   4.686   1.00 23.73 ? 49  GLU A OE1 1 
ATOM   165 O  OE2 . GLU A 1 30 ? 17.053  5.942   3.934   1.00 23.72 ? 49  GLU A OE2 1 
ATOM   166 N  N   . LYS A 1 31 ? 11.251  4.669   1.352   1.00 10.82 ? 50  LYS A N   1 
ATOM   167 C  CA  . LYS A 1 31 ? 9.791   4.666   1.359   1.00 9.34  ? 50  LYS A CA  1 
ATOM   168 C  C   . LYS A 1 31 ? 9.132   3.324   1.656   1.00 7.47  ? 50  LYS A C   1 
ATOM   169 O  O   . LYS A 1 31 ? 8.500   2.710   0.794   1.00 7.24  ? 50  LYS A O   1 
ATOM   170 C  CB  . LYS A 1 31 ? 9.264   5.246   0.044   1.00 11.35 ? 50  LYS A CB  1 
ATOM   171 C  CG  . LYS A 1 31 ? 9.510   6.745   -0.066  1.00 14.95 ? 50  LYS A CG  1 
ATOM   172 C  CD  . LYS A 1 31 ? 8.842   7.347   -1.283  1.00 17.06 ? 50  LYS A CD  1 
ATOM   173 C  CE  . LYS A 1 31 ? 8.991   8.862   -1.288  1.00 17.98 ? 50  LYS A CE  1 
ATOM   174 N  NZ  . LYS A 1 31 ? 8.341   9.495   -0.104  1.00 20.27 ? 50  LYS A NZ  1 
ATOM   175 N  N   . THR A 1 32 ? 9.276   2.886   2.901   1.00 6.83  ? 51  THR A N   1 
ATOM   176 C  CA  . THR A 1 32 ? 8.693   1.632   3.344   1.00 6.66  ? 51  THR A CA  1 
ATOM   177 C  C   . THR A 1 32 ? 7.263   1.885   3.805   1.00 6.44  ? 51  THR A C   1 
ATOM   178 O  O   . THR A 1 32 ? 6.793   3.024   3.814   1.00 6.77  ? 51  THR A O   1 
ATOM   179 C  CB  . THR A 1 32 ? 9.483   1.034   4.517   1.00 5.96  ? 51  THR A CB  1 
ATOM   180 O  OG1 . THR A 1 32 ? 9.307   1.858   5.675   1.00 8.11  ? 51  THR A OG1 1 
ATOM   181 C  CG2 . THR A 1 32 ? 10.967  0.952   4.174   1.00 7.71  ? 51  THR A CG2 1 
ATOM   182 N  N   . LEU A 1 33 ? 6.578   0.816   4.195   1.00 5.75  ? 52  LEU A N   1 
ATOM   183 C  CA  . LEU A 1 33 ? 5.204   0.927   4.650   1.00 5.61  ? 52  LEU A CA  1 
ATOM   184 C  C   . LEU A 1 33 ? 5.105   1.095   6.162   1.00 5.40  ? 52  LEU A C   1 
ATOM   185 O  O   . LEU A 1 33 ? 4.005   1.140   6.704   1.00 6.10  ? 52  LEU A O   1 
ATOM   186 C  CB  . LEU A 1 33 ? 4.409   -0.304  4.209   1.00 5.37  ? 52  LEU A CB  1 
ATOM   187 C  CG  . LEU A 1 33 ? 4.506   -0.631  2.716   1.00 5.73  ? 52  LEU A CG  1 
ATOM   188 C  CD1 . LEU A 1 33 ? 3.494   -1.710  2.369   1.00 5.60  ? 52  LEU A CD1 1 
ATOM   189 C  CD2 . LEU A 1 33 ? 4.244   0.613   1.886   1.00 7.32  ? 52  LEU A CD2 1 
ATOM   190 N  N   . ALA A 1 34 ? 6.248   1.186   6.839   1.00 5.15  ? 53  ALA A N   1 
ATOM   191 C  CA  . ALA A 1 34 ? 6.256   1.366   8.291   1.00 5.09  ? 53  ALA A CA  1 
ATOM   192 C  C   . ALA A 1 34 ? 5.417   2.593   8.632   1.00 4.94  ? 53  ALA A C   1 
ATOM   193 O  O   . ALA A 1 34 ? 5.513   3.623   7.966   1.00 5.57  ? 53  ALA A O   1 
ATOM   194 C  CB  . ALA A 1 34 ? 7.681   1.547   8.795   1.00 6.58  ? 53  ALA A CB  1 
ATOM   195 N  N   . ARG A 1 35 ? 4.604   2.485   9.678   1.00 5.78  ? 54  ARG A N   1 
ATOM   196 C  CA  . ARG A 1 35 ? 3.720   3.576   10.068  1.00 5.58  ? 54  ARG A CA  1 
ATOM   197 C  C   . ARG A 1 35 ? 4.344   4.970   10.106  1.00 5.83  ? 54  ARG A C   1 
ATOM   198 O  O   . ARG A 1 35 ? 3.815   5.903   9.500   1.00 5.92  ? 54  ARG A O   1 
ATOM   199 C  CB  . ARG A 1 35 ? 3.081   3.277   11.424  1.00 5.64  ? 54  ARG A CB  1 
ATOM   200 C  CG  . ARG A 1 35 ? 2.021   4.292   11.811  1.00 4.50  ? 54  ARG A CG  1 
ATOM   201 C  CD  . ARG A 1 35 ? 1.275   3.876   13.060  1.00 5.38  ? 54  ARG A CD  1 
ATOM   202 N  NE  . ARG A 1 35 ? 0.242   4.844   13.416  1.00 5.28  ? 54  ARG A NE  1 
ATOM   203 C  CZ  . ARG A 1 35 ? -0.586  4.696   14.444  1.00 5.21  ? 54  ARG A CZ  1 
ATOM   204 N  NH1 . ARG A 1 35 ? -0.500  3.619   15.212  1.00 5.86  ? 54  ARG A NH1 1 
ATOM   205 N  NH2 . ARG A 1 35 ? -1.500  5.620   14.705  1.00 5.80  ? 54  ARG A NH2 1 
ATOM   206 N  N   . ALA A 1 36 ? 5.457   5.123   10.814  1.00 5.93  ? 55  ALA A N   1 
ATOM   207 C  CA  . ALA A 1 36 ? 6.100   6.433   10.921  1.00 6.91  ? 55  ALA A CA  1 
ATOM   208 C  C   . ALA A 1 36 ? 6.518   7.006   9.569   1.00 7.17  ? 55  ALA A C   1 
ATOM   209 O  O   . ALA A 1 36 ? 6.414   8.212   9.345   1.00 7.97  ? 55  ALA A O   1 
ATOM   210 C  CB  . ALA A 1 36 ? 7.308   6.345   11.846  1.00 9.70  ? 55  ALA A CB  1 
ATOM   211 N  N   . ARG A 1 37 ? 6.987   6.140   8.678   1.00 7.03  ? 56  ARG A N   1 
ATOM   212 C  CA  . ARG A 1 37 ? 7.425   6.561   7.352   1.00 8.63  ? 56  ARG A CA  1 
ATOM   213 C  C   . ARG A 1 37 ? 6.246   6.950   6.471   1.00 8.39  ? 56  ARG A C   1 
ATOM   214 O  O   . ARG A 1 37 ? 6.235   8.031   5.878   1.00 8.01  ? 56  ARG A O   1 
ATOM   215 C  CB  . ARG A 1 37 ? 8.200   5.435   6.666   1.00 9.74  ? 56  ARG A CB  1 
ATOM   216 C  CG  . ARG A 1 37 ? 9.463   4.992   7.385   1.00 14.53 ? 56  ARG A CG  1 
ATOM   217 C  CD  . ARG A 1 37 ? 10.513  6.084   7.380   1.00 17.91 ? 56  ARG A CD  1 
ATOM   218 N  NE  . ARG A 1 37 ? 11.774  5.631   7.962   1.00 21.89 ? 56  ARG A NE  1 
ATOM   219 C  CZ  . ARG A 1 37 ? 12.550  4.686   7.438   1.00 21.94 ? 56  ARG A CZ  1 
ATOM   220 N  NH1 . ARG A 1 37 ? 12.200  4.080   6.310   1.00 24.05 ? 56  ARG A NH1 1 
ATOM   221 N  NH2 . ARG A 1 37 ? 13.683  4.347   8.040   1.00 23.94 ? 56  ARG A NH2 1 
ATOM   222 N  N   . ARG A 1 38 ? 5.252   6.071   6.380   1.00 7.08  ? 57  ARG A N   1 
ATOM   223 C  CA  . ARG A 1 38 ? 4.098   6.358   5.542   1.00 9.86  ? 57  ARG A CA  1 
ATOM   224 C  C   . ARG A 1 38 ? 3.333   7.590   6.022   1.00 7.29  ? 57  ARG A C   1 
ATOM   225 O  O   . ARG A 1 38 ? 2.905   8.414   5.208   1.00 6.37  ? 57  ARG A O   1 
ATOM   226 C  CB  . ARG A 1 38 ? 3.161   5.138   5.447   1.00 15.81 ? 57  ARG A CB  1 
ATOM   227 C  CG  . ARG A 1 38 ? 2.531   4.647   6.751   1.00 19.65 ? 57  ARG A CG  1 
ATOM   228 C  CD  . ARG A 1 38 ? 1.345   3.718   6.456   1.00 19.29 ? 57  ARG A CD  1 
ATOM   229 N  NE  . ARG A 1 38 ? 0.564   3.408   7.650   1.00 16.92 ? 57  ARG A NE  1 
ATOM   230 C  CZ  . ARG A 1 38 ? 0.813   2.393   8.471   1.00 19.32 ? 57  ARG A CZ  1 
ATOM   231 N  NH1 . ARG A 1 38 ? 0.051   2.197   9.539   1.00 18.17 ? 57  ARG A NH1 1 
ATOM   232 N  NH2 . ARG A 1 38 ? 1.814   1.564   8.216   1.00 16.60 ? 57  ARG A NH2 1 
ATOM   233 N  N   . GLU A 1 39 ? 3.178   7.740   7.336   1.00 6.37  ? 58  GLU A N   1 
ATOM   234 C  CA  . GLU A 1 39 ? 2.452   8.892   7.861   1.00 7.81  ? 58  GLU A CA  1 
ATOM   235 C  C   . GLU A 1 39 ? 3.196   10.207  7.635   1.00 7.13  ? 58  GLU A C   1 
ATOM   236 O  O   . GLU A 1 39 ? 2.569   11.244  7.444   1.00 7.41  ? 58  GLU A O   1 
ATOM   237 C  CB  . GLU A 1 39 ? 2.144   8.693   9.347   1.00 7.26  ? 58  GLU A CB  1 
ATOM   238 C  CG  . GLU A 1 39 ? 1.244   7.488   9.604   1.00 8.18  ? 58  GLU A CG  1 
ATOM   239 C  CD  . GLU A 1 39 ? 0.685   7.442   11.011  1.00 9.05  ? 58  GLU A CD  1 
ATOM   240 O  OE1 . GLU A 1 39 ? 1.233   8.124   11.900  1.00 11.69 ? 58  GLU A OE1 1 
ATOM   241 O  OE2 . GLU A 1 39 ? -0.299  6.701   11.227  1.00 8.22  ? 58  GLU A OE2 1 
ATOM   242 N  N   . ALA A 1 40 ? 4.526   10.164  7.640   1.00 7.04  ? 59  ALA A N   1 
ATOM   243 C  CA  . ALA A 1 40 ? 5.309   11.372  7.404   1.00 8.14  ? 59  ALA A CA  1 
ATOM   244 C  C   . ALA A 1 40 ? 5.001   11.876  5.996   1.00 8.32  ? 59  ALA A C   1 
ATOM   245 O  O   . ALA A 1 40 ? 5.099   13.073  5.713   1.00 9.25  ? 59  ALA A O   1 
ATOM   246 C  CB  . ALA A 1 40 ? 6.797   11.073  7.541   1.00 7.35  ? 59  ALA A CB  1 
ATOM   247 N  N   . ASN A 1 41 ? 4.621   10.952  5.119   1.00 8.38  ? 60  ASN A N   1 
ATOM   248 C  CA  . ASN A 1 41 ? 4.299   11.282  3.739   1.00 10.25 ? 60  ASN A CA  1 
ATOM   249 C  C   . ASN A 1 41 ? 2.801   11.414  3.480   1.00 10.59 ? 60  ASN A C   1 
ATOM   250 O  O   . ASN A 1 41 ? 2.361   11.411  2.332   1.00 12.78 ? 60  ASN A O   1 
ATOM   251 C  CB  . ASN A 1 41 ? 4.908   10.236  2.802   1.00 11.52 ? 60  ASN A CB  1 
ATOM   252 C  CG  . ASN A 1 41 ? 6.423   10.294  2.779   1.00 13.68 ? 60  ASN A CG  1 
ATOM   253 O  OD1 . ASN A 1 41 ? 7.007   11.320  2.431   1.00 18.54 ? 60  ASN A OD1 1 
ATOM   254 N  ND2 . ASN A 1 41 ? 7.066   9.197   3.155   1.00 17.16 ? 60  ASN A ND2 1 
ATOM   255 N  N   . GLY A 1 42 ? 2.020   11.521  4.552   1.00 9.82  ? 61  GLY A N   1 
ATOM   256 C  CA  . GLY A 1 42 ? 0.586   11.695  4.414   1.00 9.74  ? 61  GLY A CA  1 
ATOM   257 C  C   . GLY A 1 42 ? -0.275  10.467  4.185   1.00 9.32  ? 61  GLY A C   1 
ATOM   258 O  O   . GLY A 1 42 ? -1.466  10.603  3.909   1.00 11.31 ? 61  GLY A O   1 
ATOM   259 N  N   . ILE A 1 43 ? 0.300   9.276   4.297   1.00 8.34  ? 62  ILE A N   1 
ATOM   260 C  CA  . ILE A 1 43 ? -0.467  8.049   4.097   1.00 8.26  ? 62  ILE A CA  1 
ATOM   261 C  C   . ILE A 1 43 ? -0.727  7.456   5.476   1.00 7.39  ? 62  ILE A C   1 
ATOM   262 O  O   . ILE A 1 43 ? 0.018   6.601   5.957   1.00 9.12  ? 62  ILE A O   1 
ATOM   263 C  CB  . ILE A 1 43 ? 0.314   7.069   3.212   1.00 7.97  ? 62  ILE A CB  1 
ATOM   264 C  CG1 . ILE A 1 43 ? 0.706   7.776   1.910   1.00 10.80 ? 62  ILE A CG1 1 
ATOM   265 C  CG2 . ILE A 1 43 ? -0.536  5.844   2.911   1.00 9.92  ? 62  ILE A CG2 1 
ATOM   266 C  CD1 . ILE A 1 43 ? 1.593   6.966   1.003   1.00 13.48 ? 62  ILE A CD1 1 
ATOM   267 N  N   . ARG A 1 44 ? -1.805  7.918   6.099   1.00 7.57  ? 63  ARG A N   1 
ATOM   268 C  CA  . ARG A 1 44 ? -2.156  7.513   7.452   1.00 7.65  ? 63  ARG A CA  1 
ATOM   269 C  C   . ARG A 1 44 ? -3.374  6.607   7.607   1.00 6.49  ? 63  ARG A C   1 
ATOM   270 O  O   . ARG A 1 44 ? -3.321  5.605   8.319   1.00 7.45  ? 63  ARG A O   1 
ATOM   271 C  CB  . ARG A 1 44 ? -2.352  8.778   8.296   1.00 9.21  ? 63  ARG A CB  1 
ATOM   272 C  CG  . ARG A 1 44 ? -2.830  8.553   9.719   1.00 11.59 ? 63  ARG A CG  1 
ATOM   273 C  CD  . ARG A 1 44 ? -2.934  9.883   10.461  1.00 15.43 ? 63  ARG A CD  1 
ATOM   274 N  NE  . ARG A 1 44 ? -3.961  10.761  9.901   1.00 19.26 ? 63  ARG A NE  1 
ATOM   275 C  CZ  . ARG A 1 44 ? -5.267  10.610  10.102  1.00 20.07 ? 63  ARG A CZ  1 
ATOM   276 N  NH1 . ARG A 1 44 ? -5.714  9.614   10.853  1.00 22.74 ? 63  ARG A NH1 1 
ATOM   277 N  NH2 . ARG A 1 44 ? -6.127  11.456  9.549   1.00 21.12 ? 63  ARG A NH2 1 
ATOM   278 N  N   . THR A 1 45 ? -4.469  6.961   6.949   1.00 6.39  ? 64  THR A N   1 
ATOM   279 C  CA  . THR A 1 45 ? -5.700  6.190   7.063   1.00 6.21  ? 64  THR A CA  1 
ATOM   280 C  C   . THR A 1 45 ? -5.843  5.098   6.017   1.00 6.41  ? 64  THR A C   1 
ATOM   281 O  O   . THR A 1 45 ? -5.101  5.050   5.036   1.00 5.86  ? 64  THR A O   1 
ATOM   282 C  CB  . THR A 1 45 ? -6.928  7.104   6.936   1.00 6.30  ? 64  THR A CB  1 
ATOM   283 O  OG1 . THR A 1 45 ? -7.021  7.572   5.585   1.00 7.38  ? 64  THR A OG1 1 
ATOM   284 C  CG2 . THR A 1 45 ? -6.809  8.299   7.876   1.00 8.01  ? 64  THR A CG2 1 
ATOM   285 N  N   . VAL A 1 46 ? -6.812  4.221   6.242   1.00 5.37  ? 65  VAL A N   1 
ATOM   286 C  CA  . VAL A 1 46 ? -7.095  3.144   5.313   1.00 5.71  ? 65  VAL A CA  1 
ATOM   287 C  C   . VAL A 1 46 ? -7.427  3.769   3.959   1.00 5.24  ? 65  VAL A C   1 
ATOM   288 O  O   . VAL A 1 46 ? -6.936  3.319   2.926   1.00 5.78  ? 65  VAL A O   1 
ATOM   289 C  CB  . VAL A 1 46 ? -8.281  2.291   5.812   1.00 6.54  ? 65  VAL A CB  1 
ATOM   290 C  CG1 . VAL A 1 46 ? -8.775  1.370   4.707   1.00 7.79  ? 65  VAL A CG1 1 
ATOM   291 C  CG2 . VAL A 1 46 ? -7.844  1.471   7.019   1.00 7.72  ? 65  VAL A CG2 1 
ATOM   292 N  N   . ARG A 1 47 ? -8.251  4.816   3.964   1.00 4.64  ? 66  ARG A N   1 
ATOM   293 C  CA  . ARG A 1 47 ? -8.605  5.475   2.715   1.00 5.41  ? 66  ARG A CA  1 
ATOM   294 C  C   . ARG A 1 47 ? -7.401  6.166   2.072   1.00 5.09  ? 66  ARG A C   1 
ATOM   295 O  O   . ARG A 1 47 ? -7.336  6.281   0.848   1.00 5.48  ? 66  ARG A O   1 
ATOM   296 C  CB  . ARG A 1 47 ? -9.760  6.466   2.930   1.00 7.85  ? 66  ARG A CB  1 
ATOM   297 C  CG  . ARG A 1 47 ? -11.084 5.771   3.254   1.00 11.45 ? 66  ARG A CG  1 
ATOM   298 C  CD  . ARG A 1 47 ? -12.315 6.648   3.022   1.00 15.51 ? 66  ARG A CD  1 
ATOM   299 N  NE  . ARG A 1 47 ? -12.346 7.835   3.870   1.00 17.76 ? 66  ARG A NE  1 
ATOM   300 C  CZ  . ARG A 1 47 ? -11.901 9.032   3.501   1.00 18.29 ? 66  ARG A CZ  1 
ATOM   301 N  NH1 . ARG A 1 47 ? -11.969 10.053  4.344   1.00 19.22 ? 66  ARG A NH1 1 
ATOM   302 N  NH2 . ARG A 1 47 ? -11.400 9.212   2.287   1.00 20.14 ? 66  ARG A NH2 1 
ATOM   303 N  N   . ASP A 1 48 ? -6.446  6.624   2.880   1.00 5.22  ? 67  ASP A N   1 
ATOM   304 C  CA  . ASP A 1 48 ? -5.245  7.253   2.327   1.00 5.21  ? 67  ASP A CA  1 
ATOM   305 C  C   . ASP A 1 48 ? -4.469  6.213   1.522   1.00 4.73  ? 67  ASP A C   1 
ATOM   306 O  O   . ASP A 1 48 ? -3.975  6.502   0.433   1.00 5.24  ? 67  ASP A O   1 
ATOM   307 C  CB  . ASP A 1 48 ? -4.318  7.792   3.425   1.00 5.98  ? 67  ASP A CB  1 
ATOM   308 C  CG  . ASP A 1 48 ? -4.826  9.068   4.064   1.00 7.66  ? 67  ASP A CG  1 
ATOM   309 O  OD1 . ASP A 1 48 ? -5.604  9.809   3.426   1.00 9.13  ? 67  ASP A OD1 1 
ATOM   310 O  OD2 . ASP A 1 48 ? -4.417  9.340   5.214   1.00 8.01  ? 67  ASP A OD2 1 
ATOM   311 N  N   . VAL A 1 49 ? -4.350  5.005   2.069   1.00 4.73  ? 68  VAL A N   1 
ATOM   312 C  CA  . VAL A 1 49 ? -3.630  3.940   1.380   1.00 4.90  ? 68  VAL A CA  1 
ATOM   313 C  C   . VAL A 1 49 ? -4.366  3.575   0.095   1.00 4.64  ? 68  VAL A C   1 
ATOM   314 O  O   . VAL A 1 49 ? -3.757  3.461   -0.969  1.00 5.42  ? 68  VAL A O   1 
ATOM   315 C  CB  . VAL A 1 49 ? -3.498  2.675   2.262   1.00 5.56  ? 68  VAL A CB  1 
ATOM   316 C  CG1 . VAL A 1 49 ? -2.837  1.554   1.463   1.00 6.46  ? 68  VAL A CG1 1 
ATOM   317 C  CG2 . VAL A 1 49 ? -2.678  2.990   3.510   1.00 6.58  ? 68  VAL A CG2 1 
ATOM   318 N  N   . ALA A 1 50 ? -5.680  3.408   0.198   1.00 5.36  ? 69  ALA A N   1 
ATOM   319 C  CA  . ALA A 1 50 ? -6.492  3.053   -0.962  1.00 5.63  ? 69  ALA A CA  1 
ATOM   320 C  C   . ALA A 1 50 ? -6.374  4.090   -2.077  1.00 6.87  ? 69  ALA A C   1 
ATOM   321 O  O   . ALA A 1 50 ? -6.286  3.734   -3.255  1.00 9.27  ? 69  ALA A O   1 
ATOM   322 C  CB  . ALA A 1 50 ? -7.949  2.889   -0.548  1.00 6.22  ? 69  ALA A CB  1 
ATOM   323 N  N   . ALA A 1 51 ? -6.373  5.370   -1.713  1.00 6.81  ? 70  ALA A N   1 
ATOM   324 C  CA  . ALA A 1 51 ? -6.258  6.441   -2.699  1.00 7.53  ? 70  ALA A CA  1 
ATOM   325 C  C   . ALA A 1 51 ? -4.850  6.501   -3.283  1.00 7.27  ? 70  ALA A C   1 
ATOM   326 O  O   . ALA A 1 51 ? -4.670  6.723   -4.482  1.00 8.34  ? 70  ALA A O   1 
ATOM   327 C  CB  . ALA A 1 51 ? -6.616  7.786   -2.064  1.00 9.13  ? 70  ALA A CB  1 
ATOM   328 N  N   . TYR A 1 52 ? -3.848  6.292   -2.437  1.00 6.66  ? 71  TYR A N   1 
ATOM   329 C  CA  . TYR A 1 52 ? -2.470  6.345   -2.896  1.00 6.25  ? 71  TYR A CA  1 
ATOM   330 C  C   . TYR A 1 52 ? -2.153  5.383   -4.037  1.00 5.64  ? 71  TYR A C   1 
ATOM   331 O  O   . TYR A 1 52 ? -1.466  5.759   -4.989  1.00 6.32  ? 71  TYR A O   1 
ATOM   332 C  CB  . TYR A 1 52 ? -1.502  6.070   -1.743  1.00 6.30  ? 71  TYR A CB  1 
ATOM   333 C  CG  . TYR A 1 52 ? -0.057  6.101   -2.183  1.00 5.77  ? 71  TYR A CG  1 
ATOM   334 C  CD1 . TYR A 1 52 ? 0.589   7.311   -2.442  1.00 6.86  ? 71  TYR A CD1 1 
ATOM   335 C  CD2 . TYR A 1 52 ? 0.645   4.920   -2.409  1.00 5.89  ? 71  TYR A CD2 1 
ATOM   336 C  CE1 . TYR A 1 52 ? 1.899   7.342   -2.921  1.00 6.60  ? 71  TYR A CE1 1 
ATOM   337 C  CE2 . TYR A 1 52 ? 1.949   4.941   -2.890  1.00 6.07  ? 71  TYR A CE2 1 
ATOM   338 C  CZ  . TYR A 1 52 ? 2.571   6.149   -3.144  1.00 6.06  ? 71  TYR A CZ  1 
ATOM   339 O  OH  . TYR A 1 52 ? 3.862   6.158   -3.626  1.00 6.76  ? 71  TYR A OH  1 
ATOM   340 N  N   . ILE A 1 53 ? -2.647  4.149   -3.967  1.00 4.88  ? 72  ILE A N   1 
ATOM   341 C  CA  . ILE A 1 53 ? -2.322  3.194   -5.017  1.00 5.50  ? 72  ILE A CA  1 
ATOM   342 C  C   . ILE A 1 53 ? -2.847  3.571   -6.399  1.00 4.68  ? 72  ILE A C   1 
ATOM   343 O  O   . ILE A 1 53 ? -2.335  3.080   -7.401  1.00 5.34  ? 72  ILE A O   1 
ATOM   344 C  CB  . ILE A 1 53 ? -2.747  1.735   -4.645  1.00 5.13  ? 72  ILE A CB  1 
ATOM   345 C  CG1 . ILE A 1 53 ? -4.267  1.580   -4.637  1.00 4.48  ? 72  ILE A CG1 1 
ATOM   346 C  CG2 . ILE A 1 53 ? -2.156  1.360   -3.294  1.00 5.13  ? 72  ILE A CG2 1 
ATOM   347 C  CD1 . ILE A 1 53 ? -4.724  0.141   -4.410  1.00 6.65  ? 72  ILE A CD1 1 
ATOM   348 N  N   . ARG A 1 54 ? -3.845  4.453   -6.468  1.00 5.32  ? 73  ARG A N   1 
ATOM   349 C  CA  . ARG A 1 54 ? -4.371  4.894   -7.764  1.00 6.17  ? 73  ARG A CA  1 
ATOM   350 C  C   . ARG A 1 54 ? -3.435  5.907   -8.432  1.00 5.99  ? 73  ARG A C   1 
ATOM   351 O  O   . ARG A 1 54 ? -3.394  6.008   -9.657  1.00 7.13  ? 73  ARG A O   1 
ATOM   352 C  CB  . ARG A 1 54 ? -5.755  5.541   -7.618  1.00 6.90  ? 73  ARG A CB  1 
ATOM   353 C  CG  . ARG A 1 54 ? -6.937  4.574   -7.547  1.00 7.75  ? 73  ARG A CG  1 
ATOM   354 C  CD  . ARG A 1 54 ? -6.983  3.859   -6.219  1.00 7.43  ? 73  ARG A CD  1 
ATOM   355 N  NE  . ARG A 1 54 ? -8.275  3.227   -5.957  1.00 6.18  ? 73  ARG A NE  1 
ATOM   356 C  CZ  . ARG A 1 54 ? -8.653  2.041   -6.424  1.00 6.12  ? 73  ARG A CZ  1 
ATOM   357 N  NH1 . ARG A 1 54 ? -7.843  1.328   -7.197  1.00 7.34  ? 73  ARG A NH1 1 
ATOM   358 N  NH2 . ARG A 1 54 ? -9.840  1.556   -6.093  1.00 7.16  ? 73  ARG A NH2 1 
ATOM   359 N  N   . ASN A 1 55 ? -2.695  6.658   -7.623  1.00 6.01  ? 74  ASN A N   1 
ATOM   360 C  CA  . ASN A 1 55 ? -1.765  7.674   -8.126  1.00 6.15  ? 74  ASN A CA  1 
ATOM   361 C  C   . ASN A 1 55 ? -0.509  7.652   -7.262  1.00 6.40  ? 74  ASN A C   1 
ATOM   362 O  O   . ASN A 1 55 ? -0.243  8.581   -6.499  1.00 7.38  ? 74  ASN A O   1 
ATOM   363 C  CB  . ASN A 1 55 ? -2.416  9.059   -8.061  1.00 7.92  ? 74  ASN A CB  1 
ATOM   364 C  CG  . ASN A 1 55 ? -3.603  9.187   -8.994  1.00 10.41 ? 74  ASN A CG  1 
ATOM   365 O  OD1 . ASN A 1 55 ? -3.445  9.261   -10.212 1.00 13.06 ? 74  ASN A OD1 1 
ATOM   366 N  ND2 . ASN A 1 55 ? -4.801  9.200   -8.425  1.00 10.63 ? 74  ASN A ND2 1 
ATOM   367 N  N   . PRO A 1 56 ? 0.294   6.589   -7.388  1.00 5.90  ? 75  PRO A N   1 
ATOM   368 C  CA  . PRO A 1 56 ? 1.521   6.439   -6.608  1.00 5.42  ? 75  PRO A CA  1 
ATOM   369 C  C   . PRO A 1 56 ? 2.731   7.213   -7.112  1.00 5.47  ? 75  PRO A C   1 
ATOM   370 O  O   . PRO A 1 56 ? 2.679   7.891   -8.141  1.00 5.52  ? 75  PRO A O   1 
ATOM   371 C  CB  . PRO A 1 56 ? 1.747   4.939   -6.643  1.00 6.03  ? 75  PRO A CB  1 
ATOM   372 C  CG  . PRO A 1 56 ? 1.361   4.606   -8.052  1.00 5.63  ? 75  PRO A CG  1 
ATOM   373 C  CD  . PRO A 1 56 ? 0.092   5.426   -8.274  1.00 5.65  ? 75  PRO A CD  1 
ATOM   374 N  N   . GLY A 1 57 ? 3.825   7.095   -6.366  1.00 5.97  ? 76  GLY A N   1 
ATOM   375 C  CA  . GLY A 1 57 ? 5.051   7.773   -6.728  1.00 6.18  ? 76  GLY A CA  1 
ATOM   376 C  C   . GLY A 1 57 ? 5.785   7.045   -7.835  1.00 5.66  ? 76  GLY A C   1 
ATOM   377 O  O   . GLY A 1 57 ? 5.428   5.920   -8.191  1.00 6.14  ? 76  GLY A O   1 
ATOM   378 N  N   . PRO A 1 58 ? 6.838   7.658   -8.388  1.00 6.73  ? 77  PRO A N   1 
ATOM   379 C  CA  . PRO A 1 58 ? 7.617   7.049   -9.468  1.00 6.80  ? 77  PRO A CA  1 
ATOM   380 C  C   . PRO A 1 58 ? 8.143   5.656   -9.145  1.00 6.86  ? 77  PRO A C   1 
ATOM   381 O  O   . PRO A 1 58 ? 8.639   5.408   -8.046  1.00 7.85  ? 77  PRO A O   1 
ATOM   382 C  CB  . PRO A 1 58 ? 8.740   8.063   -9.694  1.00 8.39  ? 77  PRO A CB  1 
ATOM   383 C  CG  . PRO A 1 58 ? 8.923   8.671   -8.336  1.00 10.33 ? 77  PRO A CG  1 
ATOM   384 C  CD  . PRO A 1 58 ? 7.499   8.874   -7.882  1.00 7.97  ? 77  PRO A CD  1 
ATOM   385 N  N   . GLY A 1 59 ? 8.022   4.744   -10.104 1.00 5.97  ? 78  GLY A N   1 
ATOM   386 C  CA  . GLY A 1 59 ? 8.508   3.393   -9.891  1.00 6.26  ? 78  GLY A CA  1 
ATOM   387 C  C   . GLY A 1 59 ? 7.467   2.409   -9.397  1.00 5.76  ? 78  GLY A C   1 
ATOM   388 O  O   . GLY A 1 59 ? 7.697   1.201   -9.415  1.00 8.07  ? 78  GLY A O   1 
ATOM   389 N  N   . MET A 1 60 ? 6.332   2.920   -8.935  1.00 5.12  ? 79  MET A N   1 
ATOM   390 C  CA  . MET A 1 60 ? 5.254   2.063   -8.461  1.00 4.76  ? 79  MET A CA  1 
ATOM   391 C  C   . MET A 1 60 ? 4.141   2.081   -9.495  1.00 5.01  ? 79  MET A C   1 
ATOM   392 O  O   . MET A 1 60 ? 3.668   3.148   -9.882  1.00 5.73  ? 79  MET A O   1 
ATOM   393 C  CB  . MET A 1 60 ? 4.709   2.568   -7.126  1.00 5.35  ? 79  MET A CB  1 
ATOM   394 C  CG  . MET A 1 60 ? 3.587   1.704   -6.577  1.00 4.42  ? 79  MET A CG  1 
ATOM   395 S  SD  . MET A 1 60 ? 3.182   2.085   -4.868  1.00 4.19  ? 79  MET A SD  1 
ATOM   396 C  CE  . MET A 1 60 ? 1.410   1.848   -4.893  1.00 5.40  ? 79  MET A CE  1 
ATOM   397 N  N   . PRO A 1 61 ? 3.713   0.904   -9.971  1.00 4.95  ? 80  PRO A N   1 
ATOM   398 C  CA  . PRO A 1 61 ? 2.641   0.893   -10.966 1.00 5.52  ? 80  PRO A CA  1 
ATOM   399 C  C   . PRO A 1 61 ? 1.313   1.331   -10.355 1.00 5.09  ? 80  PRO A C   1 
ATOM   400 O  O   . PRO A 1 61 ? 1.003   0.995   -9.213  1.00 6.20  ? 80  PRO A O   1 
ATOM   401 C  CB  . PRO A 1 61 ? 2.626   -0.558  -11.435 1.00 5.57  ? 80  PRO A CB  1 
ATOM   402 C  CG  . PRO A 1 61 ? 3.010   -1.304  -10.193 1.00 5.26  ? 80  PRO A CG  1 
ATOM   403 C  CD  . PRO A 1 61 ? 4.149   -0.467  -9.646  1.00 5.34  ? 80  PRO A CD  1 
ATOM   404 N  N   . ALA A 1 62 ? 0.538   2.095   -11.115 1.00 5.43  ? 81  ALA A N   1 
ATOM   405 C  CA  . ALA A 1 62 ? -0.749  2.574   -10.640 1.00 5.14  ? 81  ALA A CA  1 
ATOM   406 C  C   . ALA A 1 62 ? -1.780  1.460   -10.657 1.00 4.76  ? 81  ALA A C   1 
ATOM   407 O  O   . ALA A 1 62 ? -1.840  0.664   -11.594 1.00 5.55  ? 81  ALA A O   1 
ATOM   408 C  CB  . ALA A 1 62 ? -1.224  3.731   -11.502 1.00 5.94  ? 81  ALA A CB  1 
ATOM   409 N  N   . PHE A 1 63 ? -2.587  1.409   -9.603  1.00 4.98  ? 82  PHE A N   1 
ATOM   410 C  CA  . PHE A 1 63 ? -3.644  0.415   -9.468  1.00 5.43  ? 82  PHE A CA  1 
ATOM   411 C  C   . PHE A 1 63 ? -4.975  1.136   -9.649  1.00 5.51  ? 82  PHE A C   1 
ATOM   412 O  O   . PHE A 1 63 ? -5.485  1.756   -8.716  1.00 6.39  ? 82  PHE A O   1 
ATOM   413 C  CB  . PHE A 1 63 ? -3.577  -0.240  -8.083  1.00 4.99  ? 82  PHE A CB  1 
ATOM   414 C  CG  . PHE A 1 63 ? -2.351  -1.086  -7.870  1.00 4.92  ? 82  PHE A CG  1 
ATOM   415 C  CD1 . PHE A 1 63 ? -2.401  -2.465  -8.058  1.00 4.24  ? 82  PHE A CD1 1 
ATOM   416 C  CD2 . PHE A 1 63 ? -1.144  -0.507  -7.490  1.00 5.71  ? 82  PHE A CD2 1 
ATOM   417 C  CE1 . PHE A 1 63 ? -1.267  -3.254  -7.870  1.00 5.73  ? 82  PHE A CE1 1 
ATOM   418 C  CE2 . PHE A 1 63 ? -0.007  -1.286  -7.302  1.00 5.57  ? 82  PHE A CE2 1 
ATOM   419 C  CZ  . PHE A 1 63 ? -0.070  -2.660  -7.492  1.00 4.72  ? 82  PHE A CZ  1 
ATOM   420 N  N   . GLY A 1 64 ? -5.519  1.067   -10.860 1.00 5.78  ? 83  GLY A N   1 
ATOM   421 C  CA  . GLY A 1 64 ? -6.781  1.724   -11.149 1.00 7.14  ? 83  GLY A CA  1 
ATOM   422 C  C   . GLY A 1 64 ? -7.974  1.024   -10.534 1.00 7.60  ? 83  GLY A C   1 
ATOM   423 O  O   . GLY A 1 64 ? -7.886  -0.127  -10.103 1.00 7.01  ? 83  GLY A O   1 
ATOM   424 N  N   . GLU A 1 65 ? -9.102  1.726   -10.506 1.00 9.47  ? 84  GLU A N   1 
ATOM   425 C  CA  . GLU A 1 65 ? -10.331 1.195   -9.932  1.00 10.93 ? 84  GLU A CA  1 
ATOM   426 C  C   . GLU A 1 65 ? -10.847 -0.043  -10.659 1.00 10.89 ? 84  GLU A C   1 
ATOM   427 O  O   . GLU A 1 65 ? -11.514 -0.883  -10.059 1.00 11.57 ? 84  GLU A O   1 
ATOM   428 C  CB  . GLU A 1 65 ? -11.409 2.285   -9.906  1.00 13.76 ? 84  GLU A CB  1 
ATOM   429 C  CG  . GLU A 1 65 ? -11.165 3.363   -8.853  1.00 16.74 ? 84  GLU A CG  1 
ATOM   430 C  CD  . GLU A 1 65 ? -10.301 4.513   -9.354  1.00 18.67 ? 84  GLU A CD  1 
ATOM   431 O  OE1 . GLU A 1 65 ? -9.622  4.358   -10.389 1.00 20.49 ? 84  GLU A OE1 1 
ATOM   432 O  OE2 . GLU A 1 65 ? -10.296 5.576   -8.697  1.00 21.90 ? 84  GLU A OE2 1 
ATOM   433 N  N   . ALA A 1 66 ? -10.539 -0.158  -11.947 1.00 11.45 ? 85  ALA A N   1 
ATOM   434 C  CA  . ALA A 1 66 ? -10.977 -1.312  -12.725 1.00 12.58 ? 85  ALA A CA  1 
ATOM   435 C  C   . ALA A 1 66 ? -10.189 -2.555  -12.316 1.00 12.44 ? 85  ALA A C   1 
ATOM   436 O  O   . ALA A 1 66 ? -10.720 -3.667  -12.291 1.00 14.99 ? 85  ALA A O   1 
ATOM   437 C  CB  . ALA A 1 66 ? -10.791 -1.041  -14.213 1.00 13.68 ? 85  ALA A CB  1 
ATOM   438 N  N   . MET A 1 67 ? -8.917  -2.354  -11.986 1.00 10.90 ? 86  MET A N   1 
ATOM   439 C  CA  . MET A 1 67 ? -8.036  -3.442  -11.580 1.00 9.39  ? 86  MET A CA  1 
ATOM   440 C  C   . MET A 1 67 ? -8.276  -3.852  -10.128 1.00 8.86  ? 86  MET A C   1 
ATOM   441 O  O   . MET A 1 67 ? -8.369  -5.037  -9.809  1.00 9.44  ? 86  MET A O   1 
ATOM   442 C  CB  . MET A 1 67 ? -6.581  -3.014  -11.752 1.00 10.06 ? 86  MET A CB  1 
ATOM   443 C  CG  . MET A 1 67 ? -5.582  -4.083  -11.381 1.00 9.37  ? 86  MET A CG  1 
ATOM   444 S  SD  . MET A 1 67 ? -3.912  -3.436  -11.356 1.00 10.36 ? 86  MET A SD  1 
ATOM   445 C  CE  . MET A 1 67 ? -3.009  -4.884  -10.820 1.00 11.99 ? 86  MET A CE  1 
ATOM   446 N  N   . ILE A 1 68 ? -8.360  -2.857  -9.252  1.00 7.41  ? 87  ILE A N   1 
ATOM   447 C  CA  . ILE A 1 68 ? -8.596  -3.084  -7.832  1.00 7.38  ? 87  ILE A CA  1 
ATOM   448 C  C   . ILE A 1 68 ? -9.788  -2.219  -7.443  1.00 6.89  ? 87  ILE A C   1 
ATOM   449 O  O   . ILE A 1 68 ? -9.637  -1.021  -7.200  1.00 7.06  ? 87  ILE A O   1 
ATOM   450 C  CB  . ILE A 1 68 ? -7.382  -2.650  -6.979  1.00 6.67  ? 87  ILE A CB  1 
ATOM   451 C  CG1 . ILE A 1 68 ? -6.114  -3.359  -7.461  1.00 8.69  ? 87  ILE A CG1 1 
ATOM   452 C  CG2 . ILE A 1 68 ? -7.651  -2.937  -5.504  1.00 8.41  ? 87  ILE A CG2 1 
ATOM   453 C  CD1 . ILE A 1 68 ? -6.153  -4.862  -7.343  1.00 10.57 ? 87  ILE A CD1 1 
ATOM   454 N  N   . PRO A 1 69 ? -10.992 -2.811  -7.390  1.00 6.57  ? 88  PRO A N   1 
ATOM   455 C  CA  . PRO A 1 69 ? -12.191 -2.050  -7.027  1.00 6.90  ? 88  PRO A CA  1 
ATOM   456 C  C   . PRO A 1 69 ? -12.067 -1.406  -5.651  1.00 6.16  ? 88  PRO A C   1 
ATOM   457 O  O   . PRO A 1 69 ? -11.307 -1.873  -4.805  1.00 4.96  ? 88  PRO A O   1 
ATOM   458 C  CB  . PRO A 1 69 ? -13.299 -3.099  -7.080  1.00 8.15  ? 88  PRO A CB  1 
ATOM   459 C  CG  . PRO A 1 69 ? -12.797 -4.064  -8.120  1.00 10.59 ? 88  PRO A CG  1 
ATOM   460 C  CD  . PRO A 1 69 ? -11.341 -4.196  -7.747  1.00 8.47  ? 88  PRO A CD  1 
ATOM   461 N  N   . PRO A 1 70 ? -12.820 -0.323  -5.411  1.00 6.54  ? 89  PRO A N   1 
ATOM   462 C  CA  . PRO A 1 70 ? -12.794 0.391   -4.132  1.00 7.03  ? 89  PRO A CA  1 
ATOM   463 C  C   . PRO A 1 70 ? -12.805 -0.499  -2.889  1.00 6.81  ? 89  PRO A C   1 
ATOM   464 O  O   . PRO A 1 70 ? -12.001 -0.302  -1.976  1.00 7.49  ? 89  PRO A O   1 
ATOM   465 C  CB  . PRO A 1 70 ? -14.022 1.289   -4.223  1.00 7.32  ? 89  PRO A CB  1 
ATOM   466 C  CG  . PRO A 1 70 ? -14.042 1.645   -5.677  1.00 8.80  ? 89  PRO A CG  1 
ATOM   467 C  CD  . PRO A 1 70 ? -13.768 0.312   -6.346  1.00 7.17  ? 89  PRO A CD  1 
ATOM   468 N  N   . ALA A 1 71 ? -13.709 -1.473  -2.849  1.00 6.80  ? 90  ALA A N   1 
ATOM   469 C  CA  . ALA A 1 71 ? -13.804 -2.371  -1.703  1.00 6.87  ? 90  ALA A CA  1 
ATOM   470 C  C   . ALA A 1 71 ? -12.501 -3.129  -1.454  1.00 6.94  ? 90  ALA A C   1 
ATOM   471 O  O   . ALA A 1 71 ? -12.091 -3.314  -0.307  1.00 7.27  ? 90  ALA A O   1 
ATOM   472 C  CB  . ALA A 1 71 ? -14.954 -3.353  -1.902  1.00 9.53  ? 90  ALA A CB  1 
ATOM   473 N  N   . ASP A 1 72 ? -11.852 -3.573  -2.527  1.00 6.44  ? 91  ASP A N   1 
ATOM   474 C  CA  . ASP A 1 72 ? -10.597 -4.302  -2.388  1.00 5.77  ? 91  ASP A CA  1 
ATOM   475 C  C   . ASP A 1 72 ? -9.448  -3.372  -2.002  1.00 5.13  ? 91  ASP A C   1 
ATOM   476 O  O   . ASP A 1 72 ? -8.551  -3.767  -1.259  1.00 6.27  ? 91  ASP A O   1 
ATOM   477 C  CB  . ASP A 1 72 ? -10.256 -5.049  -3.682  1.00 8.18  ? 91  ASP A CB  1 
ATOM   478 C  CG  . ASP A 1 72 ? -11.129 -6.273  -3.898  1.00 11.18 ? 91  ASP A CG  1 
ATOM   479 O  OD1 . ASP A 1 72 ? -11.840 -6.675  -2.952  1.00 13.24 ? 91  ASP A OD1 1 
ATOM   480 O  OD2 . ASP A 1 72 ? -11.094 -6.838  -5.009  1.00 13.65 ? 91  ASP A OD2 1 
ATOM   481 N  N   . ALA A 1 73 ? -9.471  -2.142  -2.507  1.00 4.96  ? 92  ALA A N   1 
ATOM   482 C  CA  . ALA A 1 73 ? -8.431  -1.176  -2.175  1.00 4.81  ? 92  ALA A CA  1 
ATOM   483 C  C   . ALA A 1 73 ? -8.490  -0.904  -0.674  1.00 4.73  ? 92  ALA A C   1 
ATOM   484 O  O   . ALA A 1 73 ? -7.456  -0.757  -0.016  1.00 4.83  ? 92  ALA A O   1 
ATOM   485 C  CB  . ALA A 1 73 ? -8.644  0.114   -2.960  1.00 4.54  ? 92  ALA A CB  1 
ATOM   486 N  N   . LEU A 1 74 ? -9.703  -0.848  -0.131  1.00 4.95  ? 93  LEU A N   1 
ATOM   487 C  CA  . LEU A 1 74 ? -9.881  -0.617  1.297   1.00 5.35  ? 93  LEU A CA  1 
ATOM   488 C  C   . LEU A 1 74 ? -9.375  -1.818  2.097   1.00 4.98  ? 93  LEU A C   1 
ATOM   489 O  O   . LEU A 1 74 ? -8.776  -1.648  3.158   1.00 5.67  ? 93  LEU A O   1 
ATOM   490 C  CB  . LEU A 1 74 ? -11.356 -0.343  1.615   1.00 5.63  ? 93  LEU A CB  1 
ATOM   491 C  CG  . LEU A 1 74 ? -11.885 1.001   1.100   1.00 8.00  ? 93  LEU A CG  1 
ATOM   492 C  CD1 . LEU A 1 74 ? -13.385 1.091   1.326   1.00 10.42 ? 93  LEU A CD1 1 
ATOM   493 C  CD2 . LEU A 1 74 ? -11.164 2.141   1.809   1.00 8.81  ? 93  LEU A CD2 1 
ATOM   494 N  N   . LYS A 1 75 ? -9.609  -3.028  1.595   1.00 5.06  ? 94  LYS A N   1 
ATOM   495 C  CA  . LYS A 1 75 ? -9.131  -4.222  2.287   1.00 5.49  ? 94  LYS A CA  1 
ATOM   496 C  C   . LYS A 1 75 ? -7.606  -4.180  2.368   1.00 4.51  ? 94  LYS A C   1 
ATOM   497 O  O   . LYS A 1 75 ? -7.018  -4.533  3.391   1.00 5.22  ? 94  LYS A O   1 
ATOM   498 C  CB  . LYS A 1 75 ? -9.581  -5.491  1.559   1.00 6.88  ? 94  LYS A CB  1 
ATOM   499 C  CG  . LYS A 1 75 ? -11.055 -5.820  1.733   1.00 7.98  ? 94  LYS A CG  1 
ATOM   500 C  CD  . LYS A 1 75 ? -11.424 -7.080  0.963   1.00 13.27 ? 94  LYS A CD  1 
ATOM   501 C  CE  . LYS A 1 75 ? -12.897 -7.421  1.125   1.00 15.72 ? 94  LYS A CE  1 
ATOM   502 N  NZ  . LYS A 1 75 ? -13.248 -7.686  2.547   1.00 18.83 ? 94  LYS A NZ  1 
ATOM   503 N  N   . ILE A 1 76 ? -6.968  -3.749  1.285   1.00 4.25  ? 95  ILE A N   1 
ATOM   504 C  CA  . ILE A 1 76 ? -5.514  -3.642  1.268   1.00 4.09  ? 95  ILE A CA  1 
ATOM   505 C  C   . ILE A 1 76 ? -5.083  -2.604  2.305   1.00 4.44  ? 95  ILE A C   1 
ATOM   506 O  O   . ILE A 1 76 ? -4.143  -2.827  3.066   1.00 4.71  ? 95  ILE A O   1 
ATOM   507 C  CB  . ILE A 1 76 ? -5.004  -3.233  -0.131  1.00 4.90  ? 95  ILE A CB  1 
ATOM   508 C  CG1 . ILE A 1 76 ? -5.203  -4.397  -1.107  1.00 5.66  ? 95  ILE A CG1 1 
ATOM   509 C  CG2 . ILE A 1 76 ? -3.532  -2.838  -0.064  1.00 6.37  ? 95  ILE A CG2 1 
ATOM   510 C  CD1 . ILE A 1 76 ? -4.896  -4.055  -2.550  1.00 7.42  ? 95  ILE A CD1 1 
ATOM   511 N  N   . GLY A 1 77 ? -5.780  -1.472  2.337   1.00 4.30  ? 96  GLY A N   1 
ATOM   512 C  CA  . GLY A 1 77 ? -5.447  -0.439  3.303   1.00 4.81  ? 96  GLY A CA  1 
ATOM   513 C  C   . GLY A 1 77 ? -5.600  -0.930  4.734   1.00 4.15  ? 96  GLY A C   1 
ATOM   514 O  O   . GLY A 1 77 ? -4.779  -0.615  5.600   1.00 4.81  ? 96  GLY A O   1 
ATOM   515 N  N   . GLU A 1 78 ? -6.651  -1.704  4.993   1.00 4.32  ? 97  GLU A N   1 
ATOM   516 C  CA  . GLU A 1 78 ? -6.891  -2.230  6.334   1.00 5.06  ? 97  GLU A CA  1 
ATOM   517 C  C   . GLU A 1 78 ? -5.758  -3.151  6.768   1.00 4.94  ? 97  GLU A C   1 
ATOM   518 O  O   . GLU A 1 78 ? -5.345  -3.136  7.929   1.00 5.48  ? 97  GLU A O   1 
ATOM   519 C  CB  . GLU A 1 78 ? -8.223  -2.984  6.376   1.00 6.75  ? 97  GLU A CB  1 
ATOM   520 C  CG  . GLU A 1 78 ? -9.430  -2.091  6.135   1.00 11.43 ? 97  GLU A CG  1 
ATOM   521 C  CD  . GLU A 1 78 ? -10.739 -2.856  6.109   1.00 16.74 ? 97  GLU A CD  1 
ATOM   522 O  OE1 . GLU A 1 78 ? -10.835 -3.851  5.360   1.00 19.15 ? 97  GLU A OE1 1 
ATOM   523 O  OE2 . GLU A 1 78 ? -11.675 -2.454  6.832   1.00 21.46 ? 97  GLU A OE2 1 
ATOM   524 N  N   . TYR A 1 79 ? -5.254  -3.949  5.832   1.00 4.96  ? 98  TYR A N   1 
ATOM   525 C  CA  . TYR A 1 79 ? -4.158  -4.866  6.119   1.00 4.40  ? 98  TYR A CA  1 
ATOM   526 C  C   . TYR A 1 79 ? -2.853  -4.098  6.336   1.00 4.90  ? 98  TYR A C   1 
ATOM   527 O  O   . TYR A 1 79 ? -2.095  -4.387  7.263   1.00 4.91  ? 98  TYR A O   1 
ATOM   528 C  CB  . TYR A 1 79 ? -3.986  -5.853  4.960   1.00 5.39  ? 98  TYR A CB  1 
ATOM   529 C  CG  . TYR A 1 79 ? -2.811  -6.793  5.121   1.00 5.68  ? 98  TYR A CG  1 
ATOM   530 C  CD1 . TYR A 1 79 ? -2.889  -7.912  5.951   1.00 6.73  ? 98  TYR A CD1 1 
ATOM   531 C  CD2 . TYR A 1 79 ? -1.620  -6.563  4.435   1.00 7.07  ? 98  TYR A CD2 1 
ATOM   532 C  CE1 . TYR A 1 79 ? -1.804  -8.782  6.089   1.00 8.01  ? 98  TYR A CE1 1 
ATOM   533 C  CE2 . TYR A 1 79 ? -0.532  -7.421  4.567   1.00 9.01  ? 98  TYR A CE2 1 
ATOM   534 C  CZ  . TYR A 1 79 ? -0.632  -8.527  5.392   1.00 8.75  ? 98  TYR A CZ  1 
ATOM   535 O  OH  . TYR A 1 79 ? 0.443   -9.380  5.511   1.00 11.25 ? 98  TYR A OH  1 
ATOM   536 N  N   . VAL A 1 80 ? -2.591  -3.117  5.481   1.00 3.74  ? 99  VAL A N   1 
ATOM   537 C  CA  . VAL A 1 80 ? -1.371  -2.329  5.581   1.00 4.78  ? 99  VAL A CA  1 
ATOM   538 C  C   . VAL A 1 80 ? -1.222  -1.579  6.904   1.00 4.28  ? 99  VAL A C   1 
ATOM   539 O  O   . VAL A 1 80 ? -0.177  -1.661  7.552   1.00 4.79  ? 99  VAL A O   1 
ATOM   540 C  CB  . VAL A 1 80 ? -1.272  -1.314  4.416   1.00 4.08  ? 99  VAL A CB  1 
ATOM   541 C  CG1 . VAL A 1 80 ? -0.162  -0.305  4.686   1.00 6.28  ? 99  VAL A CG1 1 
ATOM   542 C  CG2 . VAL A 1 80 ? -1.003  -2.051  3.111   1.00 5.64  ? 99  VAL A CG2 1 
ATOM   543 N  N   . VAL A 1 81 ? -2.253  -0.857  7.323   1.00 5.14  ? 100 VAL A N   1 
ATOM   544 C  CA  . VAL A 1 81 ? -2.120  -0.097  8.560   1.00 5.26  ? 100 VAL A CA  1 
ATOM   545 C  C   . VAL A 1 81 ? -1.932  -0.976  9.787   1.00 5.31  ? 100 VAL A C   1 
ATOM   546 O  O   . VAL A 1 81 ? -1.190  -0.620  10.700  1.00 6.40  ? 100 VAL A O   1 
ATOM   547 C  CB  . VAL A 1 81 ? -3.320  0.872   8.794   1.00 5.52  ? 100 VAL A CB  1 
ATOM   548 C  CG1 . VAL A 1 81 ? -3.458  1.821   7.613   1.00 6.66  ? 100 VAL A CG1 1 
ATOM   549 C  CG2 . VAL A 1 81 ? -4.605  0.098   9.026   1.00 6.24  ? 100 VAL A CG2 1 
ATOM   550 N  N   . ALA A 1 82 ? -2.565  -2.142  9.795   1.00 5.10  ? 101 ALA A N   1 
ATOM   551 C  CA  . ALA A 1 82 ? -2.467  -3.040  10.938  1.00 4.91  ? 101 ALA A CA  1 
ATOM   552 C  C   . ALA A 1 82 ? -1.222  -3.918  10.963  1.00 5.00  ? 101 ALA A C   1 
ATOM   553 O  O   . ALA A 1 82 ? -0.784  -4.339  12.031  1.00 5.87  ? 101 ALA A O   1 
ATOM   554 C  CB  . ALA A 1 82 ? -3.706  -3.922  10.996  1.00 5.87  ? 101 ALA A CB  1 
ATOM   555 N  N   . SER A 1 83 ? -0.644  -4.184  9.797   1.00 5.48  ? 102 SER A N   1 
ATOM   556 C  CA  . SER A 1 83 ? 0.511   -5.071  9.704   1.00 5.61  ? 102 SER A CA  1 
ATOM   557 C  C   . SER A 1 83 ? 1.890   -4.443  9.813   1.00 5.48  ? 102 SER A C   1 
ATOM   558 O  O   . SER A 1 83 ? 2.851   -5.126  10.168  1.00 7.16  ? 102 SER A O   1 
ATOM   559 C  CB  . SER A 1 83 ? 0.462   -5.842  8.381   1.00 6.64  ? 102 SER A CB  1 
ATOM   560 O  OG  . SER A 1 83 ? -0.762  -6.530  8.220   1.00 7.09  ? 102 SER A OG  1 
ATOM   561 N  N   . PHE A 1 84 ? 1.998   -3.153  9.525   1.00 5.86  ? 103 PHE A N   1 
ATOM   562 C  CA  . PHE A 1 84 ? 3.304   -2.516  9.519   1.00 6.76  ? 103 PHE A CA  1 
ATOM   563 C  C   . PHE A 1 84 ? 3.484   -1.333  10.457  1.00 7.63  ? 103 PHE A C   1 
ATOM   564 O  O   . PHE A 1 84 ? 3.278   -0.180  10.075  1.00 8.12  ? 103 PHE A O   1 
ATOM   565 C  CB  . PHE A 1 84 ? 3.631   -2.120  8.076   1.00 6.45  ? 103 PHE A CB  1 
ATOM   566 C  CG  . PHE A 1 84 ? 3.429   -3.245  7.093   1.00 5.45  ? 103 PHE A CG  1 
ATOM   567 C  CD1 . PHE A 1 84 ? 4.108   -4.450  7.255   1.00 5.50  ? 103 PHE A CD1 1 
ATOM   568 C  CD2 . PHE A 1 84 ? 2.535   -3.118  6.033   1.00 5.88  ? 103 PHE A CD2 1 
ATOM   569 C  CE1 . PHE A 1 84 ? 3.896   -5.516  6.382   1.00 5.61  ? 103 PHE A CE1 1 
ATOM   570 C  CE2 . PHE A 1 84 ? 2.315   -4.177  5.153   1.00 6.41  ? 103 PHE A CE2 1 
ATOM   571 C  CZ  . PHE A 1 84 ? 3.001   -5.380  5.331   1.00 5.98  ? 103 PHE A CZ  1 
ATOM   572 N  N   . PRO A 1 85 ? 3.895   -1.609  11.704  1.00 8.37  ? 104 PRO A N   1 
ATOM   573 C  CA  . PRO A 1 85 ? 4.109   -0.561  12.703  1.00 9.27  ? 104 PRO A CA  1 
ATOM   574 C  C   . PRO A 1 85 ? 5.350   0.268   12.402  1.00 9.69  ? 104 PRO A C   1 
ATOM   575 O  O   . PRO A 1 85 ? 6.119   -0.128  11.501  1.00 11.57 ? 104 PRO A O   1 
ATOM   576 C  CB  . PRO A 1 85 ? 4.249   -1.351  13.998  1.00 10.47 ? 104 PRO A CB  1 
ATOM   577 C  CG  . PRO A 1 85 ? 4.926   -2.601  13.541  1.00 10.64 ? 104 PRO A CG  1 
ATOM   578 C  CD  . PRO A 1 85 ? 4.165   -2.941  12.277  1.00 9.31  ? 104 PRO A CD  1 
ATOM   579 O  OXT . PRO A 1 85 ? 5.539   1.297   13.079  1.00 9.99  ? 104 PRO A OXT 1 
HETATM 580 C  CHA . HEM B 2 .  ? 5.827   3.463   -2.231  1.00 4.65  ? 199 HEM A CHA 1 
HETATM 581 C  CHB . HEM B 2 .  ? 1.834   0.996   -1.101  1.00 3.61  ? 199 HEM A CHB 1 
HETATM 582 C  CHC . HEM B 2 .  ? 2.692   -2.028  -4.823  1.00 3.18  ? 199 HEM A CHC 1 
HETATM 583 C  CHD . HEM B 2 .  ? 6.952   0.192   -5.595  1.00 4.39  ? 199 HEM A CHD 1 
HETATM 584 C  C1A . HEM B 2 .  ? 4.693   3.014   -1.574  1.00 4.95  ? 199 HEM A C1A 1 
HETATM 585 C  C2A . HEM B 2 .  ? 4.131   3.665   -0.415  1.00 5.29  ? 199 HEM A C2A 1 
HETATM 586 C  C3A . HEM B 2 .  ? 2.958   3.039   -0.144  1.00 5.65  ? 199 HEM A C3A 1 
HETATM 587 C  C4A . HEM B 2 .  ? 2.848   1.946   -1.099  1.00 4.31  ? 199 HEM A C4A 1 
HETATM 588 C  CMA . HEM B 2 .  ? 1.933   3.406   0.924   1.00 6.52  ? 199 HEM A CMA 1 
HETATM 589 C  CAA . HEM B 2 .  ? 4.794   4.826   0.326   1.00 7.54  ? 199 HEM A CAA 1 
HETATM 590 C  CBA . HEM B 2 .  ? 4.472   6.176   -0.299  1.00 8.76  ? 199 HEM A CBA 1 
HETATM 591 C  CGA . HEM B 2 .  ? 5.286   7.313   0.292   1.00 9.36  ? 199 HEM A CGA 1 
HETATM 592 O  O1A . HEM B 2 .  ? 5.716   7.197   1.459   1.00 10.09 ? 199 HEM A O1A 1 
HETATM 593 O  O2A . HEM B 2 .  ? 5.481   8.329   -0.406  1.00 10.89 ? 199 HEM A O2A 1 
HETATM 594 C  C1B . HEM B 2 .  ? 1.744   -0.073  -1.996  1.00 3.78  ? 199 HEM A C1B 1 
HETATM 595 C  C2B . HEM B 2 .  ? 0.662   -1.035  -2.014  1.00 3.15  ? 199 HEM A C2B 1 
HETATM 596 C  C3B . HEM B 2 .  ? 0.852   -1.832  -3.102  1.00 3.69  ? 199 HEM A C3B 1 
HETATM 597 C  C4B . HEM B 2 .  ? 2.085   -1.402  -3.732  1.00 3.53  ? 199 HEM A C4B 1 
HETATM 598 C  CMB . HEM B 2 .  ? -0.456  -1.143  -0.981  1.00 4.69  ? 199 HEM A CMB 1 
HETATM 599 C  CAB . HEM B 2 .  ? -0.050  -2.959  -3.598  1.00 3.47  ? 199 HEM A CAB 1 
HETATM 600 C  CBB . HEM B 2 .  ? -1.445  -2.505  -4.004  1.00 4.04  ? 199 HEM A CBB 1 
HETATM 601 C  C1C . HEM B 2 .  ? 3.943   -1.686  -5.333  1.00 3.82  ? 199 HEM A C1C 1 
HETATM 602 C  C2C . HEM B 2 .  ? 4.620   -2.442  -6.362  1.00 3.86  ? 199 HEM A C2C 1 
HETATM 603 C  C3C . HEM B 2 .  ? 5.846   -1.860  -6.515  1.00 4.75  ? 199 HEM A C3C 1 
HETATM 604 C  C4C . HEM B 2 .  ? 5.902   -0.722  -5.626  1.00 4.45  ? 199 HEM A C4C 1 
HETATM 605 C  CMC . HEM B 2 .  ? 4.074   -3.649  -7.117  1.00 4.72  ? 199 HEM A CMC 1 
HETATM 606 C  CAC . HEM B 2 .  ? 7.046   -2.423  -7.280  1.00 5.85  ? 199 HEM A CAC 1 
HETATM 607 C  CBC . HEM B 2 .  ? 6.882   -2.593  -8.785  1.00 6.74  ? 199 HEM A CBC 1 
HETATM 608 C  C1D . HEM B 2 .  ? 6.951   1.329   -4.804  1.00 5.05  ? 199 HEM A C1D 1 
HETATM 609 C  C2D . HEM B 2 .  ? 7.934   2.393   -4.904  1.00 4.88  ? 199 HEM A C2D 1 
HETATM 610 C  C3D . HEM B 2 .  ? 7.588   3.338   -4.006  1.00 5.15  ? 199 HEM A C3D 1 
HETATM 611 C  C4D . HEM B 2 .  ? 6.402   2.854   -3.329  1.00 4.28  ? 199 HEM A C4D 1 
HETATM 612 C  CMD . HEM B 2 .  ? 9.087   2.496   -5.895  1.00 6.46  ? 199 HEM A CMD 1 
HETATM 613 C  CAD . HEM B 2 .  ? 8.275   4.687   -3.849  1.00 5.30  ? 199 HEM A CAD 1 
HETATM 614 C  CBD . HEM B 2 .  ? 7.530   5.806   -4.563  1.00 7.49  ? 199 HEM A CBD 1 
HETATM 615 C  CGD . HEM B 2 .  ? 8.252   7.135   -4.478  1.00 7.77  ? 199 HEM A CGD 1 
HETATM 616 O  O1D . HEM B 2 .  ? 7.575   8.164   -4.286  1.00 8.93  ? 199 HEM A O1D 1 
HETATM 617 O  O2D . HEM B 2 .  ? 9.493   7.154   -4.611  1.00 9.18  ? 199 HEM A O2D 1 
HETATM 618 N  NA  . HEM B 2 .  ? 3.919   1.938   -1.974  1.00 4.35  ? 199 HEM A NA  1 
HETATM 619 N  NB  . HEM B 2 .  ? 2.631   -0.317  -3.042  1.00 3.91  ? 199 HEM A NB  1 
HETATM 620 N  NC  . HEM B 2 .  ? 4.731   -0.637  -4.883  1.00 4.43  ? 199 HEM A NC  1 
HETATM 621 N  ND  . HEM B 2 .  ? 5.975   1.647   -3.870  1.00 3.90  ? 199 HEM A ND  1 
HETATM 622 FE FE  . HEM B 2 .  ? 4.307   0.647   -3.437  1.00 3.38  ? 199 HEM A FE  1 
HETATM 623 O  O   . HOH C 3 .  ? 5.242   8.357   -3.044  1.00 8.94  ? 201 HOH A O   1 
HETATM 624 O  O   . HOH C 3 .  ? 1.478   -5.479  -8.682  1.00 7.64  ? 202 HOH A O   1 
HETATM 625 O  O   . HOH C 3 .  ? -0.566  -7.159  -9.522  1.00 11.96 ? 203 HOH A O   1 
HETATM 626 O  O   . HOH C 3 .  ? -15.907 -1.976  -4.701  1.00 17.76 ? 204 HOH A O   1 
HETATM 627 O  O   . HOH C 3 .  ? 7.220   5.813   3.208   1.00 9.32  ? 205 HOH A O   1 
HETATM 628 O  O   . HOH C 3 .  ? 6.642   -2.179  9.713   1.00 12.57 ? 206 HOH A O   1 
HETATM 629 O  O   . HOH C 3 .  ? -9.927  5.486   6.350   1.00 11.53 ? 207 HOH A O   1 
HETATM 630 O  O   . HOH C 3 .  ? 1.608   -5.256  13.435  1.00 12.73 ? 208 HOH A O   1 
HETATM 631 O  O   . HOH C 3 .  ? -1.531  -6.798  13.136  1.00 12.12 ? 209 HOH A O   1 
HETATM 632 O  O   . HOH C 3 .  ? 9.885   -0.402  -9.899  1.00 12.12 ? 210 HOH A O   1 
HETATM 633 O  O   . HOH C 3 .  ? -13.910 -3.438  1.849   1.00 14.57 ? 211 HOH A O   1 
HETATM 634 O  O   . HOH C 3 .  ? 9.474   7.390   3.861   1.00 13.43 ? 212 HOH A O   1 
HETATM 635 O  O   . HOH C 3 .  ? 7.025   3.244   12.329  1.00 11.42 ? 213 HOH A O   1 
HETATM 636 O  O   . HOH C 3 .  ? -5.496  9.013   -5.653  1.00 13.76 ? 214 HOH A O   1 
HETATM 637 O  O   . HOH C 3 .  ? -3.420  9.176   -0.308  1.00 12.52 ? 215 HOH A O   1 
HETATM 638 O  O   . HOH C 3 .  ? 0.366   -10.688 2.922   1.00 11.82 ? 216 HOH A O   1 
HETATM 639 O  O   . HOH C 3 .  ? 4.169   9.953   -9.328  1.00 27.13 ? 217 HOH A O   1 
HETATM 640 O  O   . HOH C 3 .  ? -7.192  -8.560  -7.438  1.00 16.23 ? 218 HOH A O   1 
HETATM 641 O  O   . HOH C 3 .  ? -1.099  4.657   9.583   1.00 9.13  ? 219 HOH A O   1 
HETATM 642 O  O   . HOH C 3 .  ? -7.789  4.458   9.022   1.00 10.70 ? 220 HOH A O   1 
HETATM 643 O  O   . HOH C 3 .  ? 5.022   -9.525  2.972   1.00 17.06 ? 221 HOH A O   1 
HETATM 644 O  O   . HOH C 3 .  ? 5.985   14.743  3.696   1.00 15.25 ? 222 HOH A O   1 
HETATM 645 O  O   . HOH C 3 .  ? -9.012  9.450   5.387   1.00 17.72 ? 223 HOH A O   1 
HETATM 646 O  O   . HOH C 3 .  ? -9.091  -6.770  -6.853  1.00 15.99 ? 224 HOH A O   1 
HETATM 647 O  O   . HOH C 3 .  ? 5.661   10.021  11.343  1.00 14.73 ? 225 HOH A O   1 
HETATM 648 O  O   . HOH C 3 .  ? 8.221   -1.723  7.411   1.00 14.89 ? 226 HOH A O   1 
HETATM 649 O  O   . HOH C 3 .  ? 4.576   -6.594  -5.608  1.00 14.15 ? 227 HOH A O   1 
HETATM 650 O  O   . HOH C 3 .  ? -5.146  4.474   10.286  1.00 14.14 ? 228 HOH A O   1 
HETATM 651 O  O   . HOH C 3 .  ? 9.969   -9.511  -2.655  1.00 22.52 ? 229 HOH A O   1 
HETATM 652 O  O   . HOH C 3 .  ? 11.027  1.298   7.765   1.00 19.36 ? 230 HOH A O   1 
HETATM 653 O  O   . HOH C 3 .  ? -9.615  6.292   -0.806  1.00 14.81 ? 231 HOH A O   1 
HETATM 654 O  O   . HOH C 3 .  ? -7.109  9.006   -10.196 1.00 34.48 ? 232 HOH A O   1 
HETATM 655 O  O   . HOH C 3 .  ? -6.354  -10.046 5.779   1.00 27.01 ? 233 HOH A O   1 
HETATM 656 O  O   . HOH C 3 .  ? 8.090   10.762  -4.605  1.00 22.59 ? 234 HOH A O   1 
HETATM 657 O  O   . HOH C 3 .  ? 0.589   -11.197 7.313   1.00 24.72 ? 235 HOH A O   1 
HETATM 658 O  O   . HOH C 3 .  ? -5.575  6.855   -11.251 1.00 23.47 ? 236 HOH A O   1 
HETATM 659 O  O   . HOH C 3 .  ? 8.800   0.117   12.202  1.00 28.11 ? 237 HOH A O   1 
HETATM 660 O  O   . HOH C 3 .  ? -4.295  11.637  6.574   1.00 23.89 ? 238 HOH A O   1 
HETATM 661 O  O   . HOH C 3 .  ? 2.787   13.495  8.934   1.00 20.92 ? 239 HOH A O   1 
HETATM 662 O  O   . HOH C 3 .  ? 3.225   -8.873  5.129   1.00 28.35 ? 240 HOH A O   1 
HETATM 663 O  O   . HOH C 3 .  ? -7.103  -7.475  -10.287 1.00 28.48 ? 241 HOH A O   1 
HETATM 664 O  O   . HOH C 3 .  ? 9.149   -8.109  9.625   1.00 26.81 ? 242 HOH A O   1 
HETATM 665 O  O   . HOH C 3 .  ? -2.002  -8.102  10.141  1.00 29.96 ? 243 HOH A O   1 
HETATM 666 O  O   . HOH C 3 .  ? 1.885   10.484  -6.249  1.00 29.34 ? 244 HOH A O   1 
HETATM 667 O  O   . HOH C 3 .  ? 11.159  -11.045 9.598   1.00 22.91 ? 245 HOH A O   1 
HETATM 668 O  O   . HOH C 3 .  ? -3.534  -14.330 -6.094  1.00 28.34 ? 246 HOH A O   1 
HETATM 669 O  O   . HOH C 3 .  ? 3.724   2.033   15.080  1.00 9.20  ? 247 HOH A O   1 
HETATM 670 O  O   . HOH C 3 .  ? -10.565 7.970   7.294   1.00 17.63 ? 248 HOH A O   1 
HETATM 671 O  O   . HOH C 3 .  ? 7.765   9.978   12.997  1.00 23.46 ? 249 HOH A O   1 
HETATM 672 O  O   . HOH C 3 .  ? 3.874   10.465  -4.202  1.00 20.50 ? 250 HOH A O   1 
HETATM 673 O  O   . HOH C 3 .  ? -2.268  7.586   12.815  1.00 25.99 ? 251 HOH A O   1 
HETATM 674 O  O   . HOH C 3 .  ? 7.447   4.297   15.017  1.00 27.84 ? 252 HOH A O   1 
HETATM 675 O  O   . HOH C 3 .  ? 3.893   -6.310  -9.561  1.00 20.56 ? 253 HOH A O   1 
HETATM 676 O  O   . HOH C 3 .  ? -6.435  -7.610  6.744   1.00 22.91 ? 254 HOH A O   1 
HETATM 677 O  O   . HOH C 3 .  ? -0.088  -9.800  -9.662  1.00 29.39 ? 255 HOH A O   1 
HETATM 678 O  O   . HOH C 3 .  ? 7.738   -10.869 -1.246  1.00 22.28 ? 256 HOH A O   1 
HETATM 679 O  O   . HOH C 3 .  ? -7.508  -0.269  -13.586 1.00 20.25 ? 257 HOH A O   1 
HETATM 680 O  O   . HOH C 3 .  ? 12.069  1.142   -10.377 1.00 26.33 ? 258 HOH A O   1 
HETATM 681 O  O   . HOH C 3 .  ? -8.141  8.363   -5.415  1.00 22.33 ? 259 HOH A O   1 
HETATM 682 O  O   . HOH C 3 .  ? -8.081  -6.393  5.124   1.00 23.11 ? 260 HOH A O   1 
HETATM 683 O  O   . HOH C 3 .  ? -9.295  6.713   9.748   1.00 22.35 ? 261 HOH A O   1 
HETATM 684 O  O   . HOH C 3 .  ? -14.221 -1.014  -10.343 1.00 29.17 ? 262 HOH A O   1 
HETATM 685 O  O   . HOH C 3 .  ? 2.659   14.570  5.020   1.00 24.51 ? 263 HOH A O   1 
HETATM 686 O  O   . HOH C 3 .  ? 10.927  2.070   10.271  1.00 35.79 ? 264 HOH A O   1 
HETATM 687 O  O   . HOH C 3 .  ? 2.815   -10.592 1.817   1.00 32.30 ? 265 HOH A O   1 
HETATM 688 O  O   . HOH C 3 .  ? -10.677 -7.444  -9.147  1.00 28.85 ? 266 HOH A O   1 
HETATM 689 O  O   . HOH C 3 .  ? 5.963   -7.106  -7.921  1.00 27.26 ? 267 HOH A O   1 
HETATM 690 O  O   . HOH C 3 .  ? 14.242  -0.247  3.947   1.00 24.67 ? 268 HOH A O   1 
HETATM 691 O  O   . HOH C 3 .  ? -1.646  10.846  0.930   1.00 30.20 ? 269 HOH A O   1 
HETATM 692 O  O   . HOH C 3 .  ? 3.773   11.760  10.732  1.00 20.48 ? 270 HOH A O   1 
HETATM 693 O  O   . HOH C 3 .  ? -12.002 -9.379  -2.524  1.00 21.58 ? 271 HOH A O   1 
HETATM 694 O  O   . HOH C 3 .  ? -8.206  9.736   2.688   1.00 23.09 ? 272 HOH A O   1 
HETATM 695 O  O   . HOH C 3 .  ? -1.590  9.927   -4.504  1.00 25.09 ? 273 HOH A O   1 
HETATM 696 O  O   . HOH C 3 .  ? -3.973  -11.595 6.876   1.00 30.07 ? 274 HOH A O   1 
HETATM 697 O  O   . HOH C 3 .  ? -5.088  6.832   11.843  1.00 24.98 ? 275 HOH A O   1 
HETATM 698 O  O   . HOH C 3 .  ? -17.016 -1.758  -7.239  1.00 31.29 ? 276 HOH A O   1 
HETATM 699 O  O   . HOH C 3 .  ? -7.921  7.954   11.715  1.00 34.60 ? 277 HOH A O   1 
HETATM 700 O  O   . HOH C 3 .  ? -9.269  1.785   -13.947 1.00 29.45 ? 278 HOH A O   1 
HETATM 701 O  O   . HOH C 3 .  ? -11.147 4.901   10.202  1.00 30.03 ? 279 HOH A O   1 
HETATM 702 O  O   . HOH C 3 .  ? 7.018   -6.506  8.938   1.00 35.61 ? 280 HOH A O   1 
HETATM 703 O  O   . HOH C 3 .  ? -0.034  8.765   14.641  1.00 30.80 ? 281 HOH A O   1 
HETATM 704 O  O   . HOH C 3 .  ? 4.754   4.846   14.261  1.00 25.28 ? 282 HOH A O   1 
HETATM 705 O  O   . HOH C 3 .  ? -1.278  10.284  -1.868  1.00 30.60 ? 283 HOH A O   1 
HETATM 706 O  O   . HOH C 3 .  ? 9.675   9.135   10.988  1.00 32.07 ? 284 HOH A O   1 
HETATM 707 O  O   . HOH C 3 .  ? 4.093   -12.722 0.389   1.00 26.44 ? 285 HOH A O   1 
HETATM 708 O  O   . HOH C 3 .  ? 5.675   13.695  1.216   1.00 40.90 ? 286 HOH A O   1 
HETATM 709 O  O   . HOH C 3 .  ? -15.786 -4.925  -5.083  1.00 28.15 ? 287 HOH A O   1 
HETATM 710 O  O   . HOH C 3 .  ? -1.705  -12.275 8.011   1.00 26.37 ? 288 HOH A O   1 
HETATM 711 O  O   . HOH C 3 .  ? 3.396   -9.576  -4.909  1.00 26.78 ? 289 HOH A O   1 
HETATM 712 O  O   . HOH C 3 .  ? 3.135   10.228  -0.389  1.00 24.24 ? 290 HOH A O   1 
HETATM 713 O  O   . HOH C 3 .  ? -12.558 -5.622  8.509   1.00 34.32 ? 291 HOH A O   1 
HETATM 714 O  O   . HOH C 3 .  ? 10.002  11.770  -6.252  1.00 34.85 ? 292 HOH A O   1 
HETATM 715 O  O   . HOH C 3 .  ? 9.472   9.362   8.354   1.00 31.48 ? 293 HOH A O   1 
HETATM 716 O  O   . HOH C 3 .  ? -11.115 12.645  3.704   1.00 45.42 ? 294 HOH A O   1 
HETATM 717 O  O   . HOH C 3 .  ? 5.910   -12.345 -2.990  1.00 35.67 ? 295 HOH A O   1 
HETATM 718 O  O   . HOH C 3 .  ? -5.392  10.689  0.747   1.00 26.89 ? 296 HOH A O   1 
HETATM 719 O  O   . HOH C 3 .  ? -11.111 -6.246  -11.509 1.00 33.15 ? 297 HOH A O   1 
HETATM 720 O  O   . HOH C 3 .  ? -8.274  10.765  -3.906  1.00 30.07 ? 298 HOH A O   1 
HETATM 721 O  O   . HOH C 3 .  ? -7.803  11.704  6.396   1.00 33.86 ? 299 HOH A O   1 
HETATM 722 O  O   . HOH C 3 .  ? 0.222   14.830  3.599   1.00 32.37 ? 300 HOH A O   1 
HETATM 723 O  O   . HOH C 3 .  ? 5.818   11.689  -5.757  1.00 31.90 ? 301 HOH A O   1 
HETATM 724 O  O   . HOH C 3 .  ? 10.424  6.491   11.250  1.00 37.00 ? 302 HOH A O   1 
HETATM 725 O  O   . HOH C 3 .  ? 3.349   -12.794 -2.167  1.00 34.11 ? 303 HOH A O   1 
HETATM 726 O  O   . HOH C 3 .  ? -10.395 -6.181  6.411   1.00 39.22 ? 304 HOH A O   1 
HETATM 727 O  O   . HOH C 3 .  ? 3.666   8.552   12.956  1.00 25.20 ? 305 HOH A O   1 
HETATM 728 O  O   . HOH C 3 .  ? -3.750  9.974   -2.889  1.00 29.41 ? 306 HOH A O   1 
HETATM 729 O  O   . HOH C 3 .  ? 11.175  9.335   -4.370  1.00 26.22 ? 307 HOH A O   1 
HETATM 730 O  O   . HOH C 3 .  ? -5.282  -12.179 4.628   1.00 37.68 ? 308 HOH A O   1 
HETATM 731 O  O   . HOH C 3 .  ? -5.835  12.480  4.075   1.00 35.00 ? 309 HOH A O   1 
HETATM 732 O  O   . HOH C 3 .  ? -8.552  -14.658 2.759   1.00 36.28 ? 310 HOH A O   1 
HETATM 733 O  O   . HOH C 3 .  ? -8.646  12.660  2.630   1.00 39.79 ? 311 HOH A O   1 
HETATM 734 O  O   . HOH C 3 .  ? 5.891   9.620   -11.340 1.00 29.00 ? 312 HOH A O   1 
HETATM 735 O  O   . HOH C 3 .  ? 10.836  -6.566  -6.249  1.00 33.15 ? 313 HOH A O   1 
HETATM 736 O  O   . HOH C 3 .  ? -2.312  -11.328 -10.606 1.00 35.70 ? 314 HOH A O   1 
HETATM 737 O  O   . HOH C 3 .  ? 4.715   -9.013  7.484   1.00 34.64 ? 315 HOH A O   1 
HETATM 738 O  O   . HOH C 3 .  ? -4.795  -8.215  -11.510 1.00 25.95 ? 316 HOH A O   1 
# 
